data_4IUD
#
_entry.id   4IUD
#
_cell.length_a   73.775
_cell.length_b   95.795
_cell.length_c   120.679
_cell.angle_alpha   90.00
_cell.angle_beta   90.00
_cell.angle_gamma   90.00
#
_symmetry.space_group_name_H-M   'P 21 21 21'
#
loop_
_entity.id
_entity.type
_entity.pdbx_description
1 polymer 'Uptake hydrogenase large subunit'
2 polymer 'Uptake hydrogenase small subunit'
3 non-polymer 'NI-FE OXIDIZED ACTIVE CENTER'
4 non-polymer 'MAGNESIUM ION'
5 non-polymer 'IRON/SULFUR CLUSTER'
6 non-polymer 'FE3-S4 CLUSTER'
7 non-polymer 'oxidized [Fe4-S3] cluster'
8 non-polymer 'CHLORIDE ION'
9 water water
#
loop_
_entity_poly.entity_id
_entity_poly.type
_entity_poly.pdbx_seq_one_letter_code
_entity_poly.pdbx_strand_id
1 'polypeptide(L)'
;MSAYATQGFNLDDRGRRIVVDPVTRIEGHMRCEVNVDANNVIRNAVSTGTMWRGLEVILKGRDPRDAWAFVERICGVCTG
CHALASVRAVENALDIRIPKNAHLIREIMAKTLQVHDHAVHFYHLHALDWVDVMSALKADPKRTSELQQLVSPAHPLSSA
GYFRDIQNRLKRFVESGQLGPFMNGYWGSKAYVLPPEANLMAVTHYLEALDLQKEWVKIHTIFGGKNPHPNYLVGGVPCA
INLDGIGAASAPVNMERLSFVKARIDEIIEFNKNVYVPDVLAIGTLYKQAGWLYGGGLAATNVLDYGEYPNVAYNKSTDQ
LPGGAILNGNWDEVFPVDPRDSQQVQEFVSHSWYKYADESVGLHPWDGVTEPNYVLGANTKGTRTRIEQIDESAKYSWIK
SPRWRGHAMEVGPLSRYILAYAHARSGNKYAERPKEQLEYSAQMINSAIPKALGLPETQYTLKQLLPSTIGRTLARALES
QYCGEMMHSDWHDLVANIRAGDTATANVDKWDPATWPLQAKGVGTVAAPRGALGHWIRIKDGRIENYQCVVPTTWNGSPR
DYKGQIGAFEASLMNTPMVNPEQPVEILRTLHSFDP(CSO)LACSTH
;
L
2 'polypeptide(L)'
;METKPRTPVLWLHGLECTCCSESFIRSAHPLAKDVVLSMISLDYDDTLMAAAGHQAEAILEEIMTKYKGNYILAVEGNPP
LNQDGMSCIIGGRPFIEQLKYVAKDAKAIISWGSCASWGCVQAAKPNPTQATPVHKVITDKPIIKVPGCPPIAEVMTGVI
TYMLTFDRIPELDRQGRPKMFYSQRIHDKCYRRPHFDAGQFVEEWDDESARKGFCLYKMGCKGPTTYNACSTTRWNEGTS
FPIQSGHGCIGCSEDGFWDKGSFYDRLTGISQFGVEANADKIGGTASVVVGAAVTAHAAASAIKRASKKNETSGSEHRSA
WSHPQFEKRSAWSHPQFEK
;
S
#
loop_
_chem_comp.id
_chem_comp.type
_chem_comp.name
_chem_comp.formula
CL non-polymer 'CHLORIDE ION' 'Cl -1'
F3S non-polymer 'FE3-S4 CLUSTER' 'Fe3 S4'
MG non-polymer 'MAGNESIUM ION' 'Mg 2'
NFV non-polymer 'NI-FE OXIDIZED ACTIVE CENTER' 'C3 Fe N2 Ni O2'
S3F non-polymer 'oxidized [Fe4-S3] cluster' 'Fe4 O S3'
SF4 non-polymer 'IRON/SULFUR CLUSTER' 'Fe4 S4'
#
# COMPACT_ATOMS: atom_id res chain seq x y z
N ALA A 3 18.70 2.92 29.91
CA ALA A 3 17.84 1.72 29.87
C ALA A 3 16.58 1.91 30.72
N TYR A 4 15.46 1.39 30.24
CA TYR A 4 14.23 1.32 31.03
C TYR A 4 13.34 0.17 30.62
N ALA A 5 12.42 -0.21 31.50
CA ALA A 5 11.50 -1.31 31.27
C ALA A 5 10.11 -0.77 30.93
N THR A 6 9.49 -1.34 29.92
CA THR A 6 8.12 -0.98 29.55
C THR A 6 7.44 -2.15 28.84
N GLN A 7 6.20 -2.44 29.24
CA GLN A 7 5.38 -3.47 28.58
C GLN A 7 5.99 -4.88 28.59
N GLY A 8 6.80 -5.16 29.61
CA GLY A 8 7.49 -6.44 29.72
C GLY A 8 8.76 -6.55 28.89
N PHE A 9 9.18 -5.42 28.31
CA PHE A 9 10.44 -5.35 27.55
C PHE A 9 11.47 -4.55 28.32
N ASN A 10 12.70 -5.06 28.37
CA ASN A 10 13.80 -4.36 28.99
C ASN A 10 14.65 -3.69 27.91
N LEU A 11 14.37 -2.41 27.66
CA LEU A 11 15.09 -1.64 26.64
C LEU A 11 16.47 -1.26 27.15
N ASP A 12 17.47 -1.40 26.29
CA ASP A 12 18.84 -1.08 26.66
C ASP A 12 19.56 -0.58 25.43
N ASP A 13 20.05 0.66 25.49
CA ASP A 13 20.75 1.29 24.36
C ASP A 13 22.28 1.37 24.54
N ARG A 14 22.83 0.53 25.41
N ARG A 14 22.83 0.53 25.41
CA ARG A 14 24.28 0.52 25.68
CA ARG A 14 24.26 0.51 25.70
C ARG A 14 25.06 -0.32 24.67
C ARG A 14 25.06 -0.33 24.69
N GLY A 15 24.37 -1.19 23.94
CA GLY A 15 25.03 -2.06 22.97
C GLY A 15 25.42 -1.37 21.68
N ARG A 16 25.85 -2.19 20.72
CA ARG A 16 26.28 -1.70 19.41
C ARG A 16 25.09 -1.17 18.62
N ARG A 17 25.24 0.04 18.10
CA ARG A 17 24.18 0.70 17.33
C ARG A 17 24.27 0.33 15.86
N ILE A 18 23.14 -0.08 15.29
CA ILE A 18 23.04 -0.45 13.88
C ILE A 18 21.96 0.41 13.22
N VAL A 19 22.27 0.93 12.04
CA VAL A 19 21.34 1.81 11.29
C VAL A 19 20.95 1.17 9.98
N VAL A 20 19.63 1.16 9.69
CA VAL A 20 19.10 0.72 8.40
C VAL A 20 18.30 1.88 7.79
N ASP A 21 18.92 2.60 6.85
CA ASP A 21 18.28 3.74 6.21
C ASP A 21 18.86 3.87 4.80
N PRO A 22 18.06 3.57 3.78
CA PRO A 22 16.63 3.27 3.78
C PRO A 22 16.27 1.82 4.12
N VAL A 23 15.13 1.66 4.79
CA VAL A 23 14.47 0.36 4.85
C VAL A 23 13.79 0.19 3.51
N THR A 24 14.19 -0.84 2.77
CA THR A 24 13.67 -1.08 1.43
C THR A 24 12.58 -2.16 1.47
N ARG A 25 11.97 -2.42 0.30
CA ARG A 25 10.84 -3.34 0.17
C ARG A 25 9.72 -3.04 1.18
N ILE A 26 9.44 -1.74 1.29
CA ILE A 26 8.26 -1.21 1.96
C ILE A 26 7.70 -0.16 1.01
N GLU A 27 6.52 0.35 1.32
CA GLU A 27 6.05 1.57 0.66
C GLU A 27 6.60 2.75 1.43
N GLY A 28 7.16 3.71 0.70
CA GLY A 28 7.60 4.96 1.29
C GLY A 28 8.93 4.86 2.01
N HIS A 29 9.10 5.74 3.01
CA HIS A 29 10.40 6.02 3.60
C HIS A 29 10.43 5.74 5.08
N MET A 30 11.34 4.86 5.48
CA MET A 30 11.56 4.53 6.88
C MET A 30 13.04 4.39 7.18
N ARG A 31 13.41 4.82 8.38
CA ARG A 31 14.72 4.56 8.96
C ARG A 31 14.48 3.71 10.20
N CYS A 32 15.31 2.69 10.39
CA CYS A 32 15.26 1.87 11.60
C CYS A 32 16.65 1.85 12.23
N GLU A 33 16.73 2.02 13.55
CA GLU A 33 17.97 1.80 14.28
C GLU A 33 17.73 0.80 15.40
N VAL A 34 18.76 -0.02 15.67
CA VAL A 34 18.70 -0.94 16.81
C VAL A 34 20.01 -0.90 17.58
N ASN A 35 19.95 -1.38 18.82
CA ASN A 35 21.16 -1.72 19.57
C ASN A 35 21.17 -3.22 19.79
N VAL A 36 22.34 -3.83 19.63
CA VAL A 36 22.50 -5.26 19.85
C VAL A 36 23.49 -5.52 20.99
N ASP A 37 23.26 -6.58 21.76
CA ASP A 37 24.15 -6.93 22.87
C ASP A 37 25.37 -7.73 22.40
N ALA A 38 26.15 -8.23 23.36
CA ALA A 38 27.40 -8.94 23.05
C ALA A 38 27.22 -10.18 22.18
N ASN A 39 25.99 -10.70 22.13
CA ASN A 39 25.69 -11.88 21.34
C ASN A 39 24.77 -11.57 20.16
N ASN A 40 24.81 -10.31 19.70
CA ASN A 40 24.05 -9.85 18.52
C ASN A 40 22.53 -9.91 18.70
N VAL A 41 22.06 -9.86 19.94
CA VAL A 41 20.61 -9.84 20.20
C VAL A 41 20.12 -8.39 20.29
N ILE A 42 19.05 -8.08 19.58
CA ILE A 42 18.48 -6.76 19.61
C ILE A 42 17.89 -6.48 21.00
N ARG A 43 18.33 -5.38 21.62
CA ARG A 43 17.87 -4.98 22.95
C ARG A 43 17.26 -3.57 22.97
N ASN A 44 17.22 -2.92 21.81
CA ASN A 44 16.57 -1.63 21.64
C ASN A 44 16.24 -1.49 20.18
N ALA A 45 15.08 -0.91 19.88
CA ALA A 45 14.65 -0.69 18.49
C ALA A 45 13.97 0.66 18.36
N VAL A 46 14.22 1.33 17.23
CA VAL A 46 13.77 2.70 17.01
C VAL A 46 13.19 2.80 15.61
N SER A 47 11.90 3.14 15.52
CA SER A 47 11.19 3.29 14.26
C SER A 47 11.04 4.76 13.92
N THR A 48 11.57 5.16 12.76
CA THR A 48 11.52 6.54 12.31
C THR A 48 10.83 6.62 10.94
N GLY A 49 9.65 7.24 10.89
CA GLY A 49 9.02 7.57 9.61
C GLY A 49 9.72 8.78 9.03
N THR A 50 10.26 8.62 7.82
CA THR A 50 11.13 9.64 7.22
C THR A 50 10.48 10.44 6.08
N MET A 51 9.15 10.55 6.10
CA MET A 51 8.44 11.40 5.15
C MET A 51 7.18 11.99 5.76
N TRP A 52 6.75 13.12 5.20
CA TRP A 52 5.48 13.75 5.56
C TRP A 52 5.04 14.63 4.42
N ARG A 53 3.73 14.64 4.16
CA ARG A 53 3.16 15.45 3.07
C ARG A 53 2.12 16.48 3.55
N GLY A 54 1.38 16.16 4.62
CA GLY A 54 0.44 17.13 5.19
C GLY A 54 -0.95 17.15 4.58
N LEU A 55 -1.48 15.98 4.23
CA LEU A 55 -2.85 15.91 3.66
C LEU A 55 -3.91 16.51 4.57
N GLU A 56 -3.75 16.34 5.88
CA GLU A 56 -4.73 16.84 6.84
C GLU A 56 -4.83 18.37 6.77
N VAL A 57 -3.68 19.01 6.55
CA VAL A 57 -3.61 20.46 6.40
C VAL A 57 -4.22 20.90 5.06
N ILE A 58 -3.86 20.18 3.99
CA ILE A 58 -4.32 20.48 2.63
C ILE A 58 -5.85 20.42 2.51
N LEU A 59 -6.49 19.52 3.26
CA LEU A 59 -7.95 19.34 3.16
C LEU A 59 -8.79 20.49 3.73
N LYS A 60 -8.22 21.27 4.64
CA LYS A 60 -8.97 22.34 5.31
CA LYS A 60 -8.98 22.34 5.30
CA LYS A 60 -8.98 22.34 5.30
C LYS A 60 -9.58 23.30 4.29
N GLY A 61 -10.88 23.60 4.45
CA GLY A 61 -11.57 24.56 3.59
C GLY A 61 -12.18 24.00 2.32
N ARG A 62 -11.86 22.76 1.98
CA ARG A 62 -12.33 22.15 0.74
C ARG A 62 -13.72 21.51 0.92
N ASP A 63 -14.29 21.04 -0.18
CA ASP A 63 -15.63 20.45 -0.16
C ASP A 63 -15.56 19.00 0.31
N PRO A 64 -16.36 18.62 1.33
CA PRO A 64 -16.35 17.23 1.79
C PRO A 64 -16.57 16.17 0.69
N ARG A 65 -17.30 16.53 -0.37
CA ARG A 65 -17.56 15.60 -1.47
C ARG A 65 -16.32 15.29 -2.32
N ASP A 66 -15.34 16.22 -2.29
CA ASP A 66 -14.08 16.07 -3.01
CA ASP A 66 -14.07 16.06 -3.01
C ASP A 66 -13.01 15.36 -2.18
N ALA A 67 -13.21 15.27 -0.88
CA ALA A 67 -12.16 14.78 0.03
C ALA A 67 -11.62 13.40 -0.32
N TRP A 68 -12.50 12.51 -0.74
CA TRP A 68 -12.10 11.13 -0.98
C TRP A 68 -10.94 11.05 -1.98
N ALA A 69 -10.95 11.93 -2.98
CA ALA A 69 -9.94 11.89 -4.04
C ALA A 69 -8.58 12.36 -3.53
N PHE A 70 -8.59 13.38 -2.67
CA PHE A 70 -7.39 13.87 -2.02
C PHE A 70 -6.78 12.77 -1.14
N VAL A 71 -7.58 12.22 -0.24
CA VAL A 71 -7.06 11.25 0.73
C VAL A 71 -6.77 9.90 0.10
N GLU A 72 -7.41 9.60 -1.03
CA GLU A 72 -7.05 8.40 -1.77
C GLU A 72 -5.56 8.43 -2.10
N ARG A 73 -5.04 9.62 -2.39
CA ARG A 73 -3.63 9.82 -2.75
C ARG A 73 -2.69 9.83 -1.54
N ILE A 74 -3.22 9.52 -0.37
CA ILE A 74 -2.34 9.15 0.74
C ILE A 74 -1.50 7.93 0.34
N CYS A 75 -2.08 7.03 -0.45
CA CYS A 75 -1.40 5.79 -0.77
C CYS A 75 -1.95 5.08 -2.00
N GLY A 76 -1.04 4.75 -2.92
CA GLY A 76 -1.38 4.01 -4.15
C GLY A 76 -1.22 2.50 -4.04
N VAL A 77 -0.71 2.03 -2.90
CA VAL A 77 -0.58 0.60 -2.65
C VAL A 77 -1.88 0.10 -2.04
N CYS A 78 -2.27 0.69 -0.92
CA CYS A 78 -3.60 0.44 -0.35
C CYS A 78 -4.62 1.35 -1.04
N THR A 79 -4.62 1.31 -2.36
CA THR A 79 -5.38 2.26 -3.14
C THR A 79 -6.90 2.04 -3.02
N GLY A 80 -7.61 3.10 -2.61
CA GLY A 80 -9.05 3.06 -2.46
C GLY A 80 -9.52 2.96 -1.02
N CYS A 81 -8.71 2.39 -0.12
CA CYS A 81 -9.19 2.23 1.26
C CYS A 81 -9.39 3.59 1.93
N HIS A 82 -8.53 4.57 1.63
CA HIS A 82 -8.76 5.93 2.14
C HIS A 82 -9.95 6.59 1.53
N ALA A 83 -10.21 6.30 0.25
CA ALA A 83 -11.41 6.83 -0.41
C ALA A 83 -12.66 6.29 0.29
N LEU A 84 -12.64 5.00 0.60
CA LEU A 84 -13.75 4.34 1.30
C LEU A 84 -13.96 4.95 2.68
N ALA A 85 -12.87 5.13 3.42
CA ALA A 85 -12.97 5.73 4.75
C ALA A 85 -13.57 7.13 4.67
N SER A 86 -13.18 7.88 3.65
CA SER A 86 -13.61 9.26 3.49
C SER A 86 -15.09 9.38 3.17
N VAL A 87 -15.55 8.62 2.18
CA VAL A 87 -16.97 8.67 1.85
C VAL A 87 -17.82 8.16 3.03
N ARG A 88 -17.33 7.14 3.75
CA ARG A 88 -18.02 6.68 4.96
C ARG A 88 -18.08 7.77 6.02
N ALA A 89 -16.98 8.50 6.19
CA ALA A 89 -16.93 9.59 7.18
C ALA A 89 -17.94 10.70 6.85
N VAL A 90 -17.99 11.09 5.57
CA VAL A 90 -18.89 12.16 5.13
C VAL A 90 -20.35 11.70 5.22
N GLU A 91 -20.61 10.46 4.78
CA GLU A 91 -21.94 9.87 4.91
C GLU A 91 -22.38 9.79 6.37
N ASN A 92 -21.44 9.47 7.26
CA ASN A 92 -21.74 9.41 8.69
C ASN A 92 -22.09 10.81 9.24
N ALA A 93 -21.32 11.81 8.84
CA ALA A 93 -21.56 13.18 9.26
C ALA A 93 -22.91 13.71 8.78
N LEU A 94 -23.31 13.34 7.57
CA LEU A 94 -24.51 13.90 6.94
C LEU A 94 -25.72 12.99 7.00
N ASP A 95 -25.61 11.87 7.72
CA ASP A 95 -26.70 10.89 7.86
CA ASP A 95 -26.71 10.89 7.85
C ASP A 95 -27.18 10.37 6.48
N ILE A 96 -26.23 9.97 5.65
CA ILE A 96 -26.52 9.39 4.33
C ILE A 96 -26.40 7.88 4.41
N ARG A 97 -27.42 7.17 3.98
CA ARG A 97 -27.37 5.71 3.88
C ARG A 97 -27.31 5.34 2.41
N ILE A 98 -26.30 4.56 2.02
CA ILE A 98 -26.12 4.19 0.61
C ILE A 98 -26.97 2.97 0.24
N PRO A 99 -27.34 2.86 -1.05
CA PRO A 99 -28.12 1.69 -1.43
C PRO A 99 -27.32 0.38 -1.41
N LYS A 100 -28.04 -0.72 -1.35
CA LYS A 100 -27.44 -2.05 -1.23
C LYS A 100 -26.40 -2.38 -2.30
N ASN A 101 -26.68 -2.04 -3.56
CA ASN A 101 -25.72 -2.33 -4.63
C ASN A 101 -24.40 -1.57 -4.44
N ALA A 102 -24.51 -0.32 -3.97
CA ALA A 102 -23.32 0.49 -3.67
C ALA A 102 -22.52 -0.14 -2.53
N HIS A 103 -23.22 -0.60 -1.50
CA HIS A 103 -22.57 -1.31 -0.40
C HIS A 103 -21.84 -2.53 -0.92
N LEU A 104 -22.51 -3.37 -1.69
CA LEU A 104 -21.89 -4.60 -2.18
C LEU A 104 -20.70 -4.34 -3.12
N ILE A 105 -20.83 -3.35 -4.00
CA ILE A 105 -19.74 -2.98 -4.90
C ILE A 105 -18.52 -2.47 -4.11
N ARG A 106 -18.76 -1.60 -3.12
CA ARG A 106 -17.67 -1.15 -2.24
C ARG A 106 -17.00 -2.32 -1.52
N GLU A 107 -17.78 -3.27 -1.03
CA GLU A 107 -17.24 -4.46 -0.35
C GLU A 107 -16.38 -5.29 -1.29
N ILE A 108 -16.86 -5.47 -2.53
CA ILE A 108 -16.12 -6.21 -3.54
C ILE A 108 -14.80 -5.50 -3.86
N MET A 109 -14.84 -4.17 -3.99
CA MET A 109 -13.61 -3.40 -4.25
C MET A 109 -12.63 -3.50 -3.07
N ALA A 110 -13.16 -3.45 -1.84
CA ALA A 110 -12.33 -3.53 -0.63
C ALA A 110 -11.65 -4.89 -0.55
N LYS A 111 -12.39 -5.94 -0.84
CA LYS A 111 -11.86 -7.31 -0.74
C LYS A 111 -10.88 -7.61 -1.88
N THR A 112 -11.11 -7.01 -3.04
CA THR A 112 -10.16 -7.08 -4.15
C THR A 112 -8.82 -6.44 -3.75
N LEU A 113 -8.90 -5.27 -3.13
CA LEU A 113 -7.69 -4.60 -2.62
C LEU A 113 -6.95 -5.50 -1.62
N GLN A 114 -7.69 -6.10 -0.69
CA GLN A 114 -7.09 -6.97 0.33
CA GLN A 114 -7.09 -6.98 0.34
C GLN A 114 -6.26 -8.08 -0.31
N VAL A 115 -6.85 -8.78 -1.28
CA VAL A 115 -6.15 -9.87 -1.96
C VAL A 115 -4.94 -9.36 -2.73
N HIS A 116 -5.12 -8.29 -3.50
CA HIS A 116 -4.02 -7.78 -4.31
C HIS A 116 -2.88 -7.32 -3.44
N ASP A 117 -3.21 -6.50 -2.46
CA ASP A 117 -2.22 -5.96 -1.55
CA ASP A 117 -2.20 -5.97 -1.51
C ASP A 117 -1.46 -7.08 -0.81
N HIS A 118 -2.20 -8.02 -0.23
CA HIS A 118 -1.60 -9.11 0.52
C HIS A 118 -0.69 -9.98 -0.32
N ALA A 119 -1.17 -10.41 -1.48
CA ALA A 119 -0.40 -11.33 -2.33
C ALA A 119 0.85 -10.66 -2.89
N VAL A 120 0.72 -9.43 -3.37
CA VAL A 120 1.86 -8.69 -3.90
C VAL A 120 2.86 -8.40 -2.78
N HIS A 121 2.36 -8.07 -1.59
CA HIS A 121 3.26 -7.86 -0.47
C HIS A 121 4.08 -9.09 -0.22
N PHE A 122 3.41 -10.23 -0.08
CA PHE A 122 4.13 -11.43 0.31
C PHE A 122 5.20 -11.78 -0.72
N TYR A 123 4.84 -11.86 -1.98
CA TYR A 123 5.79 -12.30 -3.01
C TYR A 123 6.85 -11.25 -3.32
N HIS A 124 6.42 -10.02 -3.59
CA HIS A 124 7.33 -9.02 -4.14
C HIS A 124 8.03 -8.15 -3.12
N LEU A 125 7.54 -8.10 -1.89
CA LEU A 125 8.21 -7.34 -0.84
C LEU A 125 8.78 -8.24 0.27
N HIS A 126 8.04 -9.26 0.68
CA HIS A 126 8.41 -10.06 1.85
C HIS A 126 9.25 -11.28 1.55
N ALA A 127 8.99 -11.92 0.41
CA ALA A 127 9.53 -13.25 0.14
C ALA A 127 11.06 -13.31 0.22
N LEU A 128 11.73 -12.26 -0.27
CA LEU A 128 13.20 -12.22 -0.29
C LEU A 128 13.84 -12.19 1.11
N ASP A 129 13.02 -12.05 2.16
CA ASP A 129 13.50 -12.19 3.56
C ASP A 129 13.53 -13.64 4.01
N TRP A 130 12.81 -14.51 3.30
CA TRP A 130 12.74 -15.94 3.61
C TRP A 130 13.40 -16.80 2.56
N VAL A 131 13.49 -16.27 1.34
CA VAL A 131 13.91 -17.02 0.17
C VAL A 131 15.24 -16.49 -0.35
N ASP A 132 16.19 -17.40 -0.53
CA ASP A 132 17.50 -17.09 -1.11
C ASP A 132 17.45 -17.41 -2.61
N VAL A 133 17.43 -16.36 -3.42
CA VAL A 133 17.30 -16.50 -4.88
CA VAL A 133 17.29 -16.52 -4.88
C VAL A 133 18.50 -17.23 -5.50
N MET A 134 19.68 -17.00 -4.94
CA MET A 134 20.90 -17.65 -5.45
C MET A 134 20.88 -19.15 -5.16
N SER A 135 20.31 -19.53 -4.02
CA SER A 135 20.13 -20.95 -3.68
C SER A 135 19.19 -21.66 -4.68
N ALA A 136 18.19 -20.92 -5.19
CA ALA A 136 17.28 -21.45 -6.20
C ALA A 136 18.01 -21.96 -7.45
N LEU A 137 19.14 -21.33 -7.77
CA LEU A 137 19.96 -21.72 -8.92
C LEU A 137 20.57 -23.12 -8.78
N LYS A 138 20.74 -23.58 -7.53
CA LYS A 138 21.30 -24.90 -7.25
C LYS A 138 20.24 -25.99 -7.08
N ALA A 139 18.96 -25.63 -7.22
CA ALA A 139 17.87 -26.59 -7.03
C ALA A 139 17.81 -27.62 -8.16
N ASP A 140 17.35 -28.83 -7.82
CA ASP A 140 17.08 -29.87 -8.80
C ASP A 140 15.64 -29.71 -9.29
N PRO A 141 15.45 -29.49 -10.61
CA PRO A 141 14.10 -29.34 -11.17
C PRO A 141 13.12 -30.46 -10.79
N LYS A 142 13.60 -31.70 -10.77
CA LYS A 142 12.75 -32.85 -10.47
C LYS A 142 12.27 -32.86 -9.00
N ARG A 143 13.20 -32.60 -8.08
CA ARG A 143 12.84 -32.53 -6.65
CA ARG A 143 12.84 -32.53 -6.65
C ARG A 143 11.97 -31.31 -6.34
N THR A 144 12.13 -30.24 -7.12
CA THR A 144 11.29 -29.04 -6.98
C THR A 144 9.85 -29.36 -7.41
N SER A 145 9.71 -30.09 -8.52
CA SER A 145 8.41 -30.60 -8.96
C SER A 145 7.74 -31.47 -7.88
N GLU A 146 8.54 -32.33 -7.25
CA GLU A 146 8.04 -33.21 -6.20
C GLU A 146 7.61 -32.43 -4.95
N LEU A 147 8.38 -31.40 -4.60
CA LEU A 147 8.02 -30.51 -3.50
C LEU A 147 6.70 -29.79 -3.79
N GLN A 148 6.58 -29.25 -5.00
CA GLN A 148 5.36 -28.53 -5.42
C GLN A 148 4.12 -29.42 -5.27
N GLN A 149 4.23 -30.67 -5.70
CA GLN A 149 3.12 -31.62 -5.59
C GLN A 149 2.74 -31.93 -4.14
N LEU A 150 3.73 -31.90 -3.24
CA LEU A 150 3.47 -32.09 -1.80
C LEU A 150 2.85 -30.84 -1.16
N VAL A 151 3.40 -29.66 -1.50
CA VAL A 151 2.96 -28.39 -0.92
C VAL A 151 1.55 -28.01 -1.39
N SER A 152 1.28 -28.21 -2.68
CA SER A 152 -0.03 -27.87 -3.26
C SER A 152 -0.36 -28.77 -4.45
N PRO A 153 -0.96 -29.95 -4.19
CA PRO A 153 -1.22 -30.89 -5.29
C PRO A 153 -2.17 -30.38 -6.37
N ALA A 154 -3.05 -29.44 -6.02
CA ALA A 154 -4.03 -28.90 -6.98
C ALA A 154 -3.44 -27.89 -7.99
N HIS A 155 -2.26 -27.32 -7.68
CA HIS A 155 -1.65 -26.33 -8.57
C HIS A 155 -1.12 -27.01 -9.81
N PRO A 156 -1.62 -26.60 -11.00
CA PRO A 156 -1.28 -27.33 -12.24
C PRO A 156 0.13 -27.07 -12.79
N LEU A 157 0.77 -25.97 -12.38
CA LEU A 157 2.11 -25.64 -12.84
C LEU A 157 3.15 -26.29 -11.92
N SER A 158 3.47 -27.55 -12.21
CA SER A 158 4.30 -28.36 -11.30
C SER A 158 5.36 -29.25 -11.95
N SER A 159 5.47 -29.23 -13.28
CA SER A 159 6.35 -30.17 -13.98
C SER A 159 7.83 -29.82 -13.82
N ALA A 160 8.69 -30.84 -13.88
CA ALA A 160 10.14 -30.63 -13.83
C ALA A 160 10.63 -29.68 -14.93
N GLY A 161 10.07 -29.85 -16.13
CA GLY A 161 10.38 -28.98 -17.28
C GLY A 161 10.06 -27.52 -17.05
N TYR A 162 8.89 -27.26 -16.45
CA TYR A 162 8.48 -25.89 -16.12
C TYR A 162 9.47 -25.22 -15.15
N PHE A 163 9.80 -25.91 -14.06
CA PHE A 163 10.75 -25.37 -13.08
C PHE A 163 12.17 -25.22 -13.66
N ARG A 164 12.56 -26.12 -14.57
CA ARG A 164 13.85 -26.03 -15.26
C ARG A 164 13.96 -24.77 -16.12
N ASP A 165 12.90 -24.47 -16.88
CA ASP A 165 12.88 -23.28 -17.74
C ASP A 165 12.93 -21.97 -16.94
N ILE A 166 12.24 -21.93 -15.81
CA ILE A 166 12.27 -20.76 -14.93
C ILE A 166 13.68 -20.59 -14.34
N GLN A 167 14.23 -21.70 -13.85
CA GLN A 167 15.59 -21.70 -13.30
C GLN A 167 16.61 -21.22 -14.35
N ASN A 168 16.47 -21.70 -15.59
CA ASN A 168 17.36 -21.28 -16.68
C ASN A 168 17.29 -19.79 -16.96
N ARG A 169 16.08 -19.22 -16.92
CA ARG A 169 15.94 -17.76 -17.09
C ARG A 169 16.61 -17.01 -15.95
N LEU A 170 16.45 -17.50 -14.71
CA LEU A 170 17.11 -16.91 -13.55
C LEU A 170 18.64 -17.01 -13.69
N LYS A 171 19.12 -18.16 -14.16
CA LYS A 171 20.56 -18.37 -14.37
C LYS A 171 21.18 -17.34 -15.32
N ARG A 172 20.57 -17.17 -16.49
CA ARG A 172 21.10 -16.24 -17.50
C ARG A 172 21.00 -14.78 -17.04
N PHE A 173 19.95 -14.44 -16.29
CA PHE A 173 19.81 -13.11 -15.68
C PHE A 173 20.97 -12.86 -14.72
N VAL A 174 21.23 -13.81 -13.83
CA VAL A 174 22.32 -13.70 -12.87
C VAL A 174 23.69 -13.71 -13.57
N GLU A 175 23.84 -14.60 -14.55
CA GLU A 175 25.11 -14.73 -15.29
C GLU A 175 25.43 -13.50 -16.16
N SER A 176 24.44 -12.66 -16.45
CA SER A 176 24.67 -11.41 -17.19
C SER A 176 25.53 -10.41 -16.41
N GLY A 177 25.60 -10.57 -15.09
CA GLY A 177 26.34 -9.66 -14.23
C GLY A 177 25.55 -8.41 -13.86
N GLN A 178 24.32 -8.31 -14.36
CA GLN A 178 23.41 -7.23 -14.03
C GLN A 178 22.27 -7.83 -13.23
N LEU A 179 22.44 -7.85 -11.90
CA LEU A 179 21.52 -8.54 -11.00
C LEU A 179 20.26 -7.73 -10.65
N GLY A 180 20.25 -6.43 -10.99
CA GLY A 180 19.05 -5.61 -10.80
C GLY A 180 18.57 -5.63 -9.36
N PRO A 181 17.28 -5.96 -9.14
CA PRO A 181 16.74 -6.01 -7.76
C PRO A 181 17.45 -6.99 -6.80
N PHE A 182 18.24 -7.91 -7.33
CA PHE A 182 18.99 -8.87 -6.49
C PHE A 182 20.42 -8.41 -6.18
N MET A 183 20.81 -7.25 -6.69
CA MET A 183 22.16 -6.70 -6.50
C MET A 183 22.45 -6.41 -5.01
N ASN A 184 23.65 -6.77 -4.56
CA ASN A 184 24.09 -6.52 -3.17
C ASN A 184 23.20 -7.17 -2.09
N GLY A 185 22.54 -8.28 -2.45
CA GLY A 185 21.63 -8.96 -1.52
C GLY A 185 22.39 -9.72 -0.45
N TYR A 186 21.65 -10.29 0.50
CA TYR A 186 22.23 -10.97 1.66
C TYR A 186 22.29 -12.49 1.44
N TRP A 187 22.36 -12.88 0.17
CA TRP A 187 22.33 -14.29 -0.25
C TRP A 187 23.41 -15.06 0.42
N GLY A 188 23.11 -16.29 0.82
CA GLY A 188 24.08 -17.14 1.50
C GLY A 188 24.19 -16.93 3.00
N SER A 189 23.45 -15.97 3.54
CA SER A 189 23.42 -15.77 5.00
C SER A 189 22.83 -17.00 5.68
N LYS A 190 23.37 -17.33 6.86
CA LYS A 190 22.86 -18.46 7.64
CA LYS A 190 22.87 -18.47 7.64
CA LYS A 190 22.86 -18.46 7.64
C LYS A 190 21.45 -18.20 8.16
N ALA A 191 20.98 -16.95 8.05
CA ALA A 191 19.60 -16.60 8.42
C ALA A 191 18.58 -17.24 7.47
N TYR A 192 19.03 -17.59 6.26
CA TYR A 192 18.22 -18.32 5.29
C TYR A 192 18.30 -19.82 5.60
N VAL A 193 17.15 -20.49 5.72
CA VAL A 193 17.11 -21.92 6.08
C VAL A 193 16.45 -22.84 5.02
N LEU A 194 15.79 -22.28 4.00
CA LEU A 194 15.09 -23.13 3.02
C LEU A 194 16.07 -23.95 2.18
N PRO A 195 15.67 -25.18 1.80
CA PRO A 195 16.47 -25.92 0.83
C PRO A 195 16.32 -25.31 -0.57
N PRO A 196 17.28 -25.59 -1.47
CA PRO A 196 17.26 -25.01 -2.81
C PRO A 196 15.92 -25.16 -3.54
N GLU A 197 15.27 -26.30 -3.37
CA GLU A 197 14.03 -26.62 -4.07
C GLU A 197 12.88 -25.71 -3.63
N ALA A 198 12.81 -25.42 -2.33
CA ALA A 198 11.81 -24.50 -1.80
C ALA A 198 12.04 -23.07 -2.30
N ASN A 199 13.31 -22.68 -2.41
CA ASN A 199 13.66 -21.37 -2.96
C ASN A 199 13.24 -21.22 -4.43
N LEU A 200 13.48 -22.26 -5.24
CA LEU A 200 13.09 -22.22 -6.66
C LEU A 200 11.57 -22.19 -6.82
N MET A 201 10.86 -23.00 -6.03
CA MET A 201 9.39 -22.98 -6.02
C MET A 201 8.89 -21.57 -5.72
N ALA A 202 9.45 -20.94 -4.69
CA ALA A 202 9.04 -19.60 -4.26
C ALA A 202 9.32 -18.54 -5.32
N VAL A 203 10.51 -18.58 -5.93
CA VAL A 203 10.87 -17.62 -6.98
C VAL A 203 9.96 -17.79 -8.19
N THR A 204 9.63 -19.04 -8.49
CA THR A 204 8.71 -19.34 -9.59
C THR A 204 7.35 -18.68 -9.33
N HIS A 205 6.87 -18.77 -8.09
CA HIS A 205 5.58 -18.16 -7.71
C HIS A 205 5.65 -16.65 -7.65
N TYR A 206 6.80 -16.10 -7.27
CA TYR A 206 7.09 -14.66 -7.37
C TYR A 206 6.79 -14.17 -8.79
N LEU A 207 7.32 -14.88 -9.79
CA LEU A 207 7.11 -14.50 -11.19
C LEU A 207 5.66 -14.72 -11.62
N GLU A 208 5.05 -15.84 -11.20
CA GLU A 208 3.63 -16.10 -11.51
C GLU A 208 2.74 -14.98 -10.95
N ALA A 209 2.96 -14.61 -9.69
CA ALA A 209 2.17 -13.57 -9.03
C ALA A 209 2.33 -12.21 -9.71
N LEU A 210 3.54 -11.91 -10.21
CA LEU A 210 3.79 -10.63 -10.87
C LEU A 210 2.95 -10.48 -12.13
N ASP A 211 2.78 -11.58 -12.86
CA ASP A 211 1.94 -11.57 -14.07
C ASP A 211 0.44 -11.59 -13.74
N LEU A 212 0.06 -12.33 -12.70
CA LEU A 212 -1.37 -12.49 -12.34
C LEU A 212 -2.00 -11.27 -11.64
N GLN A 213 -1.20 -10.54 -10.86
CA GLN A 213 -1.75 -9.45 -10.05
C GLN A 213 -2.46 -8.36 -10.87
N LYS A 214 -2.00 -8.15 -12.09
CA LYS A 214 -2.59 -7.13 -12.97
C LYS A 214 -4.02 -7.50 -13.40
N GLU A 215 -4.35 -8.79 -13.37
CA GLU A 215 -5.70 -9.24 -13.74
C GLU A 215 -6.69 -8.96 -12.63
N TRP A 216 -6.29 -9.18 -11.37
CA TRP A 216 -7.19 -9.04 -10.22
C TRP A 216 -7.75 -7.66 -10.13
N VAL A 217 -6.91 -6.65 -10.37
CA VAL A 217 -7.33 -5.25 -10.20
C VAL A 217 -8.31 -4.77 -11.28
N LYS A 218 -8.52 -5.56 -12.32
CA LYS A 218 -9.51 -5.20 -13.33
C LYS A 218 -10.93 -5.11 -12.73
N ILE A 219 -11.15 -5.73 -11.57
CA ILE A 219 -12.39 -5.53 -10.80
C ILE A 219 -12.55 -4.06 -10.38
N HIS A 220 -11.46 -3.46 -9.87
CA HIS A 220 -11.44 -2.01 -9.59
C HIS A 220 -11.71 -1.21 -10.85
N THR A 221 -11.13 -1.63 -11.96
CA THR A 221 -11.26 -0.87 -13.20
C THR A 221 -12.72 -0.82 -13.67
N ILE A 222 -13.42 -1.95 -13.55
CA ILE A 222 -14.81 -2.00 -13.95
CA ILE A 222 -14.83 -2.04 -13.92
C ILE A 222 -15.67 -1.07 -13.08
N PHE A 223 -15.56 -1.20 -11.76
CA PHE A 223 -16.42 -0.41 -10.87
C PHE A 223 -15.94 1.02 -10.62
N GLY A 224 -14.62 1.22 -10.74
CA GLY A 224 -13.98 2.50 -10.36
C GLY A 224 -13.17 3.21 -11.44
N GLY A 225 -13.16 2.65 -12.65
CA GLY A 225 -12.55 3.32 -13.81
C GLY A 225 -11.07 3.06 -14.06
N LYS A 226 -10.32 2.77 -13.01
CA LYS A 226 -8.86 2.66 -13.10
C LYS A 226 -8.30 2.04 -11.84
N ASN A 227 -7.13 1.43 -11.97
CA ASN A 227 -6.32 1.03 -10.84
C ASN A 227 -4.87 1.23 -11.22
N PRO A 228 -4.06 1.89 -10.35
CA PRO A 228 -4.43 2.48 -9.06
C PRO A 228 -5.43 3.64 -9.11
N HIS A 229 -5.96 3.95 -7.93
CA HIS A 229 -6.81 5.11 -7.65
C HIS A 229 -8.16 5.12 -8.33
N PRO A 230 -8.96 4.05 -8.09
CA PRO A 230 -10.34 4.00 -8.59
C PRO A 230 -11.20 5.09 -7.96
N ASN A 231 -12.24 5.52 -8.69
CA ASN A 231 -13.12 6.57 -8.23
C ASN A 231 -14.20 6.07 -7.29
N TYR A 232 -14.51 6.91 -6.30
CA TYR A 232 -15.55 6.66 -5.31
C TYR A 232 -16.57 7.81 -5.39
N LEU A 233 -17.58 7.78 -4.52
CA LEU A 233 -18.65 8.78 -4.56
C LEU A 233 -19.35 8.86 -3.22
N VAL A 234 -19.52 10.08 -2.70
CA VAL A 234 -20.33 10.27 -1.52
C VAL A 234 -21.79 9.98 -1.89
N GLY A 235 -22.39 9.01 -1.20
CA GLY A 235 -23.77 8.60 -1.45
C GLY A 235 -23.94 7.28 -2.18
N GLY A 236 -22.86 6.72 -2.71
CA GLY A 236 -22.94 5.42 -3.39
C GLY A 236 -21.75 5.14 -4.27
N VAL A 237 -22.01 4.69 -5.50
CA VAL A 237 -20.96 4.45 -6.48
C VAL A 237 -21.35 5.10 -7.82
N PRO A 238 -20.36 5.50 -8.65
CA PRO A 238 -20.71 6.12 -9.94
C PRO A 238 -21.08 5.12 -11.03
N CYS A 239 -20.81 3.85 -10.82
CA CYS A 239 -20.96 2.85 -11.88
C CYS A 239 -22.41 2.36 -11.99
N ALA A 240 -23.24 3.20 -12.62
CA ALA A 240 -24.67 2.95 -12.79
C ALA A 240 -24.95 1.66 -13.57
N ILE A 241 -26.09 1.05 -13.27
CA ILE A 241 -26.44 -0.29 -13.74
C ILE A 241 -27.58 -0.24 -14.77
N ASN A 242 -27.42 -1.01 -15.84
CA ASN A 242 -28.45 -1.14 -16.90
C ASN A 242 -28.17 -2.42 -17.68
N LEU A 243 -29.08 -3.40 -17.54
CA LEU A 243 -28.91 -4.70 -18.20
C LEU A 243 -29.32 -4.66 -19.66
N SER A 250 -24.96 0.27 -22.59
CA SER A 250 -24.60 1.69 -22.56
C SER A 250 -24.34 2.23 -21.15
N ALA A 251 -24.53 1.38 -20.13
CA ALA A 251 -24.26 1.75 -18.73
C ALA A 251 -22.88 1.26 -18.30
N PRO A 252 -22.31 1.88 -17.26
CA PRO A 252 -21.07 1.38 -16.66
C PRO A 252 -21.11 -0.11 -16.29
N VAL A 253 -22.24 -0.56 -15.73
CA VAL A 253 -22.37 -1.94 -15.30
C VAL A 253 -23.55 -2.62 -15.95
N ASN A 254 -23.27 -3.72 -16.65
CA ASN A 254 -24.28 -4.59 -17.23
CA ASN A 254 -24.28 -4.58 -17.24
C ASN A 254 -23.90 -6.03 -16.91
N MET A 255 -24.67 -7.00 -17.39
CA MET A 255 -24.40 -8.39 -17.02
C MET A 255 -23.04 -8.88 -17.50
N GLU A 256 -22.62 -8.45 -18.69
CA GLU A 256 -21.33 -8.85 -19.24
C GLU A 256 -20.19 -8.39 -18.34
N ARG A 257 -20.28 -7.15 -17.86
CA ARG A 257 -19.28 -6.61 -16.94
C ARG A 257 -19.28 -7.38 -15.62
N LEU A 258 -20.46 -7.76 -15.13
CA LEU A 258 -20.54 -8.53 -13.90
C LEU A 258 -19.97 -9.94 -14.08
N SER A 259 -20.24 -10.56 -15.23
CA SER A 259 -19.64 -11.87 -15.55
C SER A 259 -18.12 -11.79 -15.59
N PHE A 260 -17.59 -10.70 -16.13
CA PHE A 260 -16.14 -10.46 -16.16
C PHE A 260 -15.58 -10.41 -14.73
N VAL A 261 -16.23 -9.63 -13.88
CA VAL A 261 -15.83 -9.55 -12.46
C VAL A 261 -15.81 -10.95 -11.80
N LYS A 262 -16.83 -11.76 -12.05
CA LYS A 262 -16.90 -13.10 -11.47
C LYS A 262 -15.73 -13.98 -11.92
N ALA A 263 -15.36 -13.89 -13.20
CA ALA A 263 -14.23 -14.65 -13.73
C ALA A 263 -12.94 -14.28 -12.99
N ARG A 264 -12.78 -12.99 -12.70
CA ARG A 264 -11.59 -12.51 -11.97
C ARG A 264 -11.62 -13.02 -10.53
N ILE A 265 -12.80 -12.99 -9.89
CA ILE A 265 -12.93 -13.49 -8.53
C ILE A 265 -12.57 -14.98 -8.43
N ASP A 266 -13.03 -15.76 -9.41
CA ASP A 266 -12.76 -17.19 -9.41
C ASP A 266 -11.25 -17.48 -9.54
N GLU A 267 -10.56 -16.68 -10.36
CA GLU A 267 -9.10 -16.77 -10.49
C GLU A 267 -8.40 -16.45 -9.18
N ILE A 268 -8.91 -15.43 -8.49
CA ILE A 268 -8.37 -15.04 -7.19
C ILE A 268 -8.46 -16.18 -6.19
N ILE A 269 -9.61 -16.85 -6.16
CA ILE A 269 -9.83 -17.94 -5.22
C ILE A 269 -8.87 -19.09 -5.48
N GLU A 270 -8.62 -19.40 -6.75
CA GLU A 270 -7.66 -20.44 -7.11
C GLU A 270 -6.24 -20.08 -6.67
N PHE A 271 -5.84 -18.84 -6.90
CA PHE A 271 -4.49 -18.40 -6.52
C PHE A 271 -4.27 -18.50 -5.01
N ASN A 272 -5.21 -17.96 -4.23
CA ASN A 272 -5.09 -18.01 -2.77
C ASN A 272 -5.00 -19.43 -2.23
N LYS A 273 -5.84 -20.30 -2.77
CA LYS A 273 -5.95 -21.69 -2.31
C LYS A 273 -4.78 -22.56 -2.77
N ASN A 274 -4.29 -22.33 -3.99
CA ASN A 274 -3.29 -23.23 -4.62
C ASN A 274 -1.84 -22.74 -4.56
N VAL A 275 -1.64 -21.42 -4.45
CA VAL A 275 -0.30 -20.85 -4.49
C VAL A 275 0.10 -20.14 -3.19
N TYR A 276 -0.70 -19.17 -2.78
CA TYR A 276 -0.32 -18.24 -1.72
C TYR A 276 -0.39 -18.90 -0.33
N VAL A 277 -1.55 -19.42 0.06
CA VAL A 277 -1.68 -20.05 1.39
C VAL A 277 -0.73 -21.25 1.55
N PRO A 278 -0.66 -22.16 0.55
CA PRO A 278 0.27 -23.29 0.70
C PRO A 278 1.75 -22.90 0.83
N ASP A 279 2.18 -21.87 0.10
CA ASP A 279 3.55 -21.38 0.19
C ASP A 279 3.86 -20.86 1.59
N VAL A 280 2.94 -20.08 2.14
CA VAL A 280 3.15 -19.51 3.48
C VAL A 280 3.13 -20.61 4.54
N LEU A 281 2.24 -21.59 4.41
CA LEU A 281 2.22 -22.74 5.31
C LEU A 281 3.55 -23.52 5.25
N ALA A 282 4.06 -23.74 4.03
CA ALA A 282 5.31 -24.50 3.85
C ALA A 282 6.53 -23.74 4.37
N ILE A 283 6.65 -22.48 3.97
CA ILE A 283 7.76 -21.64 4.43
C ILE A 283 7.70 -21.46 5.95
N GLY A 284 6.50 -21.21 6.47
CA GLY A 284 6.28 -21.08 7.90
C GLY A 284 6.68 -22.34 8.67
N THR A 285 6.34 -23.51 8.11
CA THR A 285 6.70 -24.78 8.73
C THR A 285 8.21 -24.94 8.84
N LEU A 286 8.92 -24.61 7.77
CA LEU A 286 10.36 -24.81 7.73
C LEU A 286 11.09 -23.85 8.68
N TYR A 287 10.65 -22.59 8.74
CA TYR A 287 11.24 -21.64 9.70
C TYR A 287 10.84 -21.95 11.15
N LYS A 288 9.63 -22.48 11.35
CA LYS A 288 9.22 -23.01 12.66
C LYS A 288 10.18 -24.14 13.08
N GLN A 289 10.45 -25.07 12.16
CA GLN A 289 11.38 -26.18 12.43
C GLN A 289 12.79 -25.68 12.80
N ALA A 290 13.19 -24.56 12.20
CA ALA A 290 14.47 -23.92 12.54
C ALA A 290 14.44 -23.19 13.90
N GLY A 291 13.26 -23.10 14.52
CA GLY A 291 13.10 -22.44 15.82
C GLY A 291 12.94 -20.93 15.73
N TRP A 292 12.61 -20.42 14.54
CA TRP A 292 12.56 -18.97 14.35
C TRP A 292 11.19 -18.43 14.65
N LEU A 293 10.88 -18.33 15.95
CA LEU A 293 9.54 -17.89 16.40
C LEU A 293 9.57 -16.47 16.99
N TYR A 294 10.57 -15.69 16.58
CA TYR A 294 10.73 -14.31 17.02
C TYR A 294 9.71 -13.40 16.36
N GLY A 295 9.58 -12.19 16.91
CA GLY A 295 8.81 -11.13 16.29
C GLY A 295 7.40 -10.89 16.80
N GLY A 296 7.01 -11.58 17.87
CA GLY A 296 5.66 -11.45 18.41
C GLY A 296 5.31 -10.05 18.84
N GLY A 297 6.25 -9.37 19.48
CA GLY A 297 6.04 -7.99 19.93
C GLY A 297 4.77 -7.82 20.73
N LEU A 298 3.96 -6.83 20.35
CA LEU A 298 2.71 -6.53 21.05
C LEU A 298 1.58 -7.51 20.75
N ALA A 299 1.72 -8.32 19.70
CA ALA A 299 0.66 -9.28 19.33
C ALA A 299 0.39 -10.28 20.47
N ALA A 300 1.41 -10.52 21.30
CA ALA A 300 1.28 -11.42 22.44
C ALA A 300 0.40 -10.85 23.56
N THR A 301 0.15 -9.52 23.54
CA THR A 301 -0.64 -8.88 24.58
C THR A 301 -1.83 -8.07 24.06
N ASN A 302 -1.54 -7.05 23.24
CA ASN A 302 -2.52 -6.02 22.90
C ASN A 302 -2.77 -5.91 21.40
N VAL A 303 -3.98 -6.26 20.97
CA VAL A 303 -4.36 -6.16 19.54
C VAL A 303 -5.69 -5.42 19.39
N LEU A 304 -5.86 -4.71 18.26
CA LEU A 304 -7.04 -3.89 18.01
C LEU A 304 -7.42 -3.91 16.54
N ASP A 305 -8.72 -3.91 16.28
CA ASP A 305 -9.28 -3.60 14.95
C ASP A 305 -10.68 -3.03 15.17
N TYR A 306 -11.16 -2.20 14.24
CA TYR A 306 -12.50 -1.61 14.39
C TYR A 306 -13.63 -2.58 14.08
N GLY A 307 -13.31 -3.66 13.36
CA GLY A 307 -14.31 -4.65 12.94
C GLY A 307 -14.87 -4.26 11.60
N GLU A 308 -15.12 -5.25 10.73
CA GLU A 308 -15.44 -4.96 9.33
C GLU A 308 -16.24 -6.08 8.65
N TYR A 309 -16.84 -5.71 7.51
CA TYR A 309 -17.52 -6.66 6.60
C TYR A 309 -18.80 -7.24 7.22
N PRO A 310 -19.74 -6.35 7.56
CA PRO A 310 -21.00 -6.84 8.11
C PRO A 310 -21.83 -7.57 7.05
N ASN A 311 -22.34 -8.76 7.38
CA ASN A 311 -23.26 -9.51 6.51
CA ASN A 311 -23.18 -9.47 6.42
C ASN A 311 -24.49 -8.71 6.15
N VAL A 312 -24.89 -7.83 7.08
CA VAL A 312 -26.01 -6.92 6.90
C VAL A 312 -25.51 -5.48 7.03
N ALA A 313 -25.67 -4.69 5.97
CA ALA A 313 -25.16 -3.32 5.95
C ALA A 313 -25.63 -2.51 7.17
N TYR A 314 -24.71 -1.72 7.73
CA TYR A 314 -24.98 -0.87 8.90
C TYR A 314 -25.36 -1.65 10.19
N ASN A 315 -25.12 -2.96 10.21
CA ASN A 315 -25.36 -3.79 11.40
C ASN A 315 -24.05 -4.42 11.87
N LYS A 316 -23.39 -3.75 12.81
CA LYS A 316 -22.05 -4.10 13.21
C LYS A 316 -21.94 -5.47 13.91
N SER A 317 -23.03 -5.92 14.53
CA SER A 317 -23.05 -7.25 15.15
C SER A 317 -22.81 -8.38 14.14
N THR A 318 -22.98 -8.08 12.85
CA THR A 318 -22.82 -9.07 11.79
C THR A 318 -21.43 -9.01 11.09
N ASP A 319 -20.50 -8.23 11.64
CA ASP A 319 -19.13 -8.14 11.09
C ASP A 319 -18.50 -9.53 10.94
N GLN A 320 -18.03 -9.82 9.73
CA GLN A 320 -17.40 -11.10 9.41
C GLN A 320 -15.92 -11.15 9.80
N LEU A 321 -15.34 -9.97 10.03
CA LEU A 321 -14.10 -9.86 10.78
C LEU A 321 -14.41 -8.98 12.00
N PRO A 322 -15.00 -9.60 13.05
CA PRO A 322 -15.44 -8.82 14.19
C PRO A 322 -14.25 -8.29 14.98
N GLY A 323 -14.35 -7.04 15.42
CA GLY A 323 -13.22 -6.34 16.01
C GLY A 323 -13.37 -6.10 17.50
N GLY A 324 -12.68 -5.08 17.98
CA GLY A 324 -12.57 -4.78 19.40
C GLY A 324 -11.11 -4.69 19.79
N ALA A 325 -10.85 -4.78 21.10
CA ALA A 325 -9.51 -4.71 21.63
C ALA A 325 -9.29 -5.84 22.63
N ILE A 326 -8.11 -6.45 22.57
CA ILE A 326 -7.66 -7.43 23.55
C ILE A 326 -6.47 -6.81 24.28
N LEU A 327 -6.41 -7.01 25.60
CA LEU A 327 -5.29 -6.52 26.41
C LEU A 327 -4.64 -7.67 27.16
N ASN A 328 -3.34 -7.54 27.41
CA ASN A 328 -2.60 -8.42 28.33
C ASN A 328 -2.64 -9.91 27.96
N GLY A 329 -2.86 -10.20 26.68
CA GLY A 329 -2.89 -11.58 26.19
C GLY A 329 -4.11 -12.38 26.63
N ASN A 330 -5.12 -11.69 27.15
CA ASN A 330 -6.33 -12.34 27.61
C ASN A 330 -7.33 -12.45 26.46
N TRP A 331 -7.33 -13.61 25.80
CA TRP A 331 -8.18 -13.83 24.64
C TRP A 331 -9.61 -14.20 25.00
N ASP A 332 -9.91 -14.29 26.31
CA ASP A 332 -11.27 -14.57 26.78
C ASP A 332 -12.11 -13.30 26.96
N GLU A 333 -11.51 -12.13 26.75
CA GLU A 333 -12.22 -10.84 26.93
C GLU A 333 -11.91 -9.86 25.79
N VAL A 334 -12.88 -9.63 24.91
CA VAL A 334 -12.73 -8.62 23.87
C VAL A 334 -13.51 -7.38 24.27
N PHE A 335 -12.80 -6.25 24.42
CA PHE A 335 -13.42 -4.98 24.75
C PHE A 335 -13.95 -4.32 23.48
N PRO A 336 -15.13 -3.67 23.58
CA PRO A 336 -15.64 -2.96 22.43
C PRO A 336 -14.83 -1.69 22.15
N VAL A 337 -14.63 -1.38 20.88
CA VAL A 337 -13.91 -0.18 20.49
C VAL A 337 -14.87 0.77 19.79
N ASP A 338 -14.94 2.00 20.30
CA ASP A 338 -15.83 3.03 19.78
C ASP A 338 -14.98 4.18 19.24
N PRO A 339 -14.95 4.37 17.92
CA PRO A 339 -14.15 5.47 17.33
C PRO A 339 -14.67 6.88 17.65
N ARG A 340 -15.87 6.99 18.23
CA ARG A 340 -16.47 8.28 18.59
CA ARG A 340 -16.48 8.28 18.60
C ARG A 340 -16.07 8.72 19.99
N ASP A 341 -15.59 7.79 20.81
CA ASP A 341 -15.29 8.04 22.23
C ASP A 341 -13.97 8.78 22.39
N SER A 342 -14.02 10.01 22.91
CA SER A 342 -12.82 10.85 23.07
C SER A 342 -11.75 10.25 23.99
N GLN A 343 -12.11 9.27 24.80
CA GLN A 343 -11.17 8.63 25.74
C GLN A 343 -10.61 7.31 25.24
N GLN A 344 -10.90 6.93 24.00
CA GLN A 344 -10.41 5.67 23.44
C GLN A 344 -9.23 5.91 22.48
N VAL A 345 -9.50 6.24 21.22
CA VAL A 345 -8.40 6.47 20.26
C VAL A 345 -7.86 7.88 20.47
N GLN A 346 -6.58 7.98 20.81
CA GLN A 346 -5.91 9.26 20.99
C GLN A 346 -4.52 9.20 20.37
N GLU A 347 -4.02 10.34 19.89
CA GLU A 347 -2.66 10.40 19.33
C GLU A 347 -1.79 11.35 20.11
N PHE A 348 -0.62 10.85 20.51
CA PHE A 348 0.41 11.64 21.15
C PHE A 348 1.44 12.10 20.10
N VAL A 349 2.14 13.20 20.40
CA VAL A 349 3.26 13.65 19.56
C VAL A 349 4.53 13.93 20.38
N SER A 350 4.56 13.40 21.60
CA SER A 350 5.69 13.58 22.50
C SER A 350 7.05 13.27 21.83
N HIS A 351 7.07 12.20 21.03
CA HIS A 351 8.30 11.78 20.33
C HIS A 351 8.17 11.86 18.82
N SER A 352 7.26 12.73 18.35
CA SER A 352 7.01 12.93 16.92
C SER A 352 7.32 14.37 16.52
N TRP A 353 7.57 14.61 15.23
CA TRP A 353 7.91 15.94 14.73
C TRP A 353 6.69 16.80 14.47
N TYR A 354 5.86 16.95 15.52
CA TYR A 354 4.73 17.85 15.53
C TYR A 354 4.67 18.58 16.86
N LYS A 355 3.78 19.55 16.96
CA LYS A 355 3.60 20.35 18.17
CA LYS A 355 3.60 20.26 18.21
C LYS A 355 2.14 20.35 18.62
N TYR A 356 1.91 20.15 19.92
CA TYR A 356 0.63 20.41 20.58
C TYR A 356 0.85 21.50 21.62
N ALA A 357 -0.24 22.16 22.02
CA ALA A 357 -0.21 23.07 23.16
C ALA A 357 0.32 22.36 24.41
N ASP A 358 -0.17 21.14 24.65
CA ASP A 358 0.29 20.29 25.77
C ASP A 358 0.56 18.88 25.27
N GLU A 359 1.84 18.52 25.20
CA GLU A 359 2.23 17.22 24.62
C GLU A 359 2.24 16.08 25.65
N SER A 360 1.82 16.36 26.88
CA SER A 360 1.55 15.31 27.86
C SER A 360 0.17 14.67 27.62
N VAL A 361 -0.58 15.20 26.66
CA VAL A 361 -1.94 14.80 26.38
C VAL A 361 -2.04 14.15 25.00
N GLY A 362 -2.90 13.15 24.88
CA GLY A 362 -3.25 12.54 23.59
C GLY A 362 -4.58 13.08 23.09
N LEU A 363 -4.63 13.44 21.81
CA LEU A 363 -5.83 14.05 21.23
C LEU A 363 -6.63 13.03 20.43
N HIS A 364 -7.93 12.97 20.70
CA HIS A 364 -8.86 12.24 19.85
C HIS A 364 -8.91 12.91 18.51
N PRO A 365 -9.08 12.13 17.42
CA PRO A 365 -8.90 12.76 16.10
C PRO A 365 -9.90 13.87 15.72
N TRP A 366 -11.10 13.90 16.32
CA TRP A 366 -11.98 15.06 16.11
C TRP A 366 -11.41 16.33 16.67
N ASP A 367 -10.47 16.21 17.61
CA ASP A 367 -9.76 17.34 18.19
C ASP A 367 -8.29 17.38 17.76
N GLY A 368 -7.95 16.64 16.72
CA GLY A 368 -6.56 16.46 16.31
C GLY A 368 -5.95 17.71 15.70
N VAL A 369 -4.62 17.81 15.81
CA VAL A 369 -3.85 18.93 15.34
C VAL A 369 -2.61 18.41 14.63
N THR A 370 -2.28 19.01 13.48
CA THR A 370 -1.10 18.62 12.71
C THR A 370 -0.29 19.86 12.34
N GLU A 371 0.57 20.27 13.27
CA GLU A 371 1.50 21.38 13.05
C GLU A 371 2.90 20.80 13.10
N PRO A 372 3.64 20.87 11.98
CA PRO A 372 4.96 20.23 11.93
C PRO A 372 5.97 20.92 12.84
N ASN A 373 6.90 20.13 13.36
CA ASN A 373 7.97 20.63 14.22
C ASN A 373 9.18 19.71 14.11
N TYR A 374 9.95 19.91 13.04
CA TYR A 374 11.13 19.11 12.81
C TYR A 374 12.30 19.66 13.65
N VAL A 375 12.64 18.92 14.71
CA VAL A 375 13.70 19.30 15.63
C VAL A 375 14.32 18.02 16.20
N LEU A 376 15.63 18.02 16.36
CA LEU A 376 16.36 16.82 16.80
C LEU A 376 16.90 16.99 18.22
N GLY A 377 16.95 15.87 18.95
CA GLY A 377 17.37 15.88 20.34
C GLY A 377 18.85 16.15 20.54
N ALA A 378 19.20 16.45 21.79
CA ALA A 378 20.56 16.82 22.15
C ALA A 378 21.58 15.70 21.95
N ASN A 379 21.13 14.45 22.01
CA ASN A 379 22.02 13.29 21.89
C ASN A 379 22.15 12.78 20.45
N THR A 380 21.64 13.53 19.49
CA THR A 380 21.81 13.22 18.07
C THR A 380 23.29 13.18 17.70
N LYS A 381 23.68 12.17 16.93
CA LYS A 381 24.97 12.16 16.26
C LYS A 381 24.74 12.63 14.83
N GLY A 382 25.43 13.69 14.45
CA GLY A 382 25.26 14.32 13.15
C GLY A 382 24.62 15.69 13.28
N THR A 383 24.02 16.16 12.19
CA THR A 383 23.41 17.47 12.12
C THR A 383 21.95 17.34 11.67
N ARG A 384 21.24 18.46 11.68
CA ARG A 384 19.84 18.53 11.23
C ARG A 384 19.59 17.96 9.84
N THR A 385 20.56 18.10 8.95
CA THR A 385 20.42 17.63 7.58
C THR A 385 21.37 16.48 7.23
N ARG A 386 22.02 15.90 8.24
CA ARG A 386 22.92 14.76 8.04
CA ARG A 386 22.92 14.77 8.05
C ARG A 386 22.97 13.92 9.32
N ILE A 387 21.93 13.13 9.52
CA ILE A 387 21.77 12.32 10.71
C ILE A 387 22.62 11.05 10.63
N GLU A 388 23.46 10.83 11.64
CA GLU A 388 24.22 9.59 11.75
C GLU A 388 23.56 8.63 12.73
N GLN A 389 23.13 9.15 13.87
CA GLN A 389 22.39 8.35 14.87
C GLN A 389 21.27 9.19 15.46
N ILE A 390 20.04 8.76 15.24
CA ILE A 390 18.88 9.50 15.70
C ILE A 390 18.75 9.37 17.24
N ASP A 391 18.22 10.42 17.86
CA ASP A 391 18.04 10.49 19.31
C ASP A 391 16.59 10.16 19.69
N GLU A 392 16.35 8.89 20.03
CA GLU A 392 15.00 8.44 20.38
C GLU A 392 14.48 8.89 21.76
N SER A 393 15.32 9.60 22.53
CA SER A 393 14.86 10.21 23.79
C SER A 393 14.05 11.49 23.53
N ALA A 394 14.16 12.04 22.32
CA ALA A 394 13.43 13.23 21.92
C ALA A 394 12.51 12.91 20.73
N LYS A 395 12.26 13.88 19.85
CA LYS A 395 11.37 13.65 18.70
C LYS A 395 12.12 12.98 17.56
N TYR A 396 11.59 11.85 17.08
CA TYR A 396 12.36 11.03 16.13
C TYR A 396 11.57 10.41 14.97
N SER A 397 10.42 10.99 14.64
CA SER A 397 9.57 10.41 13.61
C SER A 397 8.50 11.36 13.11
N TRP A 398 8.13 11.21 11.84
CA TRP A 398 6.98 11.91 11.27
C TRP A 398 5.67 11.19 11.56
N ILE A 399 5.74 10.04 12.23
CA ILE A 399 4.55 9.27 12.59
C ILE A 399 4.08 9.71 13.97
N LYS A 400 2.79 10.04 14.11
CA LYS A 400 2.20 10.27 15.43
C LYS A 400 2.11 8.96 16.22
N SER A 401 1.74 9.05 17.50
CA SER A 401 1.64 7.89 18.37
C SER A 401 0.19 7.62 18.80
N PRO A 402 -0.53 6.78 18.03
CA PRO A 402 -1.88 6.45 18.45
C PRO A 402 -1.88 5.41 19.56
N ARG A 403 -2.80 5.58 20.51
CA ARG A 403 -2.99 4.65 21.60
C ARG A 403 -4.48 4.46 21.82
N TRP A 404 -4.85 3.34 22.46
CA TRP A 404 -6.27 3.07 22.77
C TRP A 404 -6.43 2.99 24.27
N ARG A 405 -7.19 3.95 24.82
CA ARG A 405 -7.31 4.10 26.29
C ARG A 405 -5.91 4.13 26.93
N GLY A 406 -4.96 4.74 26.22
CA GLY A 406 -3.57 4.84 26.68
C GLY A 406 -2.67 3.65 26.39
N HIS A 407 -3.25 2.55 25.90
CA HIS A 407 -2.49 1.34 25.62
C HIS A 407 -1.93 1.34 24.22
N ALA A 408 -0.72 0.81 24.08
CA ALA A 408 -0.12 0.58 22.76
C ALA A 408 -0.60 -0.74 22.21
N MET A 409 -1.10 -0.70 20.97
CA MET A 409 -1.74 -1.86 20.33
C MET A 409 -1.06 -2.21 19.00
N GLU A 410 -1.08 -3.50 18.65
CA GLU A 410 -0.76 -3.92 17.27
C GLU A 410 -2.07 -4.02 16.48
N VAL A 411 -2.03 -3.59 15.21
CA VAL A 411 -3.16 -3.71 14.30
C VAL A 411 -2.71 -4.49 13.06
N GLY A 412 -3.67 -5.00 12.29
CA GLY A 412 -3.37 -5.73 11.07
C GLY A 412 -4.10 -7.05 10.96
N PRO A 413 -3.81 -7.82 9.90
CA PRO A 413 -4.47 -9.11 9.72
C PRO A 413 -4.30 -10.04 10.93
N LEU A 414 -3.10 -10.09 11.50
CA LEU A 414 -2.87 -10.89 12.71
C LEU A 414 -3.79 -10.45 13.83
N SER A 415 -3.87 -9.14 14.07
CA SER A 415 -4.79 -8.63 15.08
C SER A 415 -6.22 -9.07 14.80
N ARG A 416 -6.65 -8.93 13.55
CA ARG A 416 -8.00 -9.34 13.17
C ARG A 416 -8.24 -10.83 13.36
N TYR A 417 -7.24 -11.65 13.06
CA TYR A 417 -7.37 -13.11 13.22
C TYR A 417 -7.37 -13.55 14.68
N ILE A 418 -6.58 -12.88 15.52
CA ILE A 418 -6.65 -13.12 16.97
C ILE A 418 -8.02 -12.70 17.51
N LEU A 419 -8.50 -11.53 17.10
CA LEU A 419 -9.84 -11.08 17.50
C LEU A 419 -10.94 -12.03 17.00
N ALA A 420 -10.84 -12.47 15.75
CA ALA A 420 -11.82 -13.41 15.18
C ALA A 420 -11.85 -14.71 15.97
N TYR A 421 -10.66 -15.23 16.29
CA TYR A 421 -10.53 -16.45 17.09
C TYR A 421 -11.17 -16.29 18.47
N ALA A 422 -10.87 -15.18 19.13
CA ALA A 422 -11.47 -14.87 20.44
C ALA A 422 -12.99 -14.76 20.37
N HIS A 423 -13.48 -14.06 19.35
CA HIS A 423 -14.92 -13.93 19.14
C HIS A 423 -15.56 -15.27 18.92
N ALA A 424 -14.94 -16.10 18.08
CA ALA A 424 -15.45 -17.43 17.77
C ALA A 424 -15.56 -18.30 19.03
N ARG A 425 -14.56 -18.21 19.90
CA ARG A 425 -14.57 -18.98 21.15
C ARG A 425 -15.68 -18.53 22.11
N SER A 426 -16.08 -17.27 22.01
CA SER A 426 -17.18 -16.74 22.84
C SER A 426 -18.57 -17.04 22.25
N GLY A 427 -18.61 -17.61 21.03
CA GLY A 427 -19.86 -18.04 20.41
C GLY A 427 -20.31 -17.21 19.21
N ASN A 428 -19.43 -16.35 18.70
CA ASN A 428 -19.73 -15.54 17.52
C ASN A 428 -19.60 -16.40 16.26
N LYS A 429 -20.73 -16.70 15.62
CA LYS A 429 -20.73 -17.57 14.45
C LYS A 429 -20.25 -16.88 13.17
N TYR A 430 -20.22 -15.55 13.16
CA TYR A 430 -19.73 -14.81 11.99
C TYR A 430 -18.22 -14.96 11.81
N ALA A 431 -17.52 -15.40 12.86
CA ALA A 431 -16.07 -15.60 12.81
C ALA A 431 -15.66 -17.09 12.65
N GLU A 432 -16.61 -17.94 12.23
CA GLU A 432 -16.33 -19.37 12.11
CA GLU A 432 -16.37 -19.38 12.08
C GLU A 432 -15.27 -19.70 11.06
N ARG A 433 -15.31 -19.02 9.91
CA ARG A 433 -14.35 -19.30 8.85
C ARG A 433 -12.89 -18.99 9.25
N PRO A 434 -12.63 -17.78 9.81
CA PRO A 434 -11.26 -17.52 10.28
C PRO A 434 -10.77 -18.54 11.32
N LYS A 435 -11.64 -18.93 12.25
CA LYS A 435 -11.30 -19.96 13.24
C LYS A 435 -10.92 -21.27 12.54
N GLU A 436 -11.74 -21.68 11.57
CA GLU A 436 -11.46 -22.89 10.78
C GLU A 436 -10.10 -22.81 10.09
N GLN A 437 -9.83 -21.66 9.44
CA GLN A 437 -8.54 -21.45 8.77
C GLN A 437 -7.36 -21.59 9.72
N LEU A 438 -7.51 -21.03 10.92
CA LEU A 438 -6.43 -21.04 11.91
C LEU A 438 -6.14 -22.45 12.41
N GLU A 439 -7.19 -23.18 12.77
CA GLU A 439 -7.05 -24.56 13.24
C GLU A 439 -6.49 -25.46 12.13
N TYR A 440 -6.94 -25.24 10.89
CA TYR A 440 -6.40 -25.96 9.73
C TYR A 440 -4.91 -25.67 9.56
N SER A 441 -4.54 -24.39 9.66
CA SER A 441 -3.15 -23.96 9.48
C SER A 441 -2.22 -24.53 10.55
N ALA A 442 -2.67 -24.52 11.79
CA ALA A 442 -1.86 -25.06 12.90
C ALA A 442 -1.60 -26.54 12.68
N GLN A 443 -2.61 -27.28 12.24
CA GLN A 443 -2.46 -28.72 11.99
C GLN A 443 -1.51 -28.98 10.82
N MET A 444 -1.55 -28.13 9.79
CA MET A 444 -0.63 -28.25 8.66
C MET A 444 0.81 -27.97 9.09
N ILE A 445 0.99 -26.90 9.86
CA ILE A 445 2.31 -26.45 10.32
C ILE A 445 2.91 -27.40 11.36
N ASN A 446 2.08 -27.90 12.26
CA ASN A 446 2.53 -28.83 13.31
C ASN A 446 2.73 -30.27 12.85
N SER A 447 1.83 -30.77 12.00
CA SER A 447 1.75 -32.21 11.71
CA SER A 447 1.75 -32.21 11.72
C SER A 447 1.84 -32.58 10.23
N ALA A 448 0.88 -32.11 9.43
CA ALA A 448 0.75 -32.56 8.04
C ALA A 448 1.98 -32.26 7.19
N ILE A 449 2.47 -31.02 7.23
CA ILE A 449 3.60 -30.65 6.37
C ILE A 449 4.92 -31.29 6.86
N PRO A 450 5.17 -31.27 8.19
CA PRO A 450 6.32 -32.03 8.71
C PRO A 450 6.31 -33.53 8.31
N LYS A 451 5.15 -34.17 8.46
CA LYS A 451 5.00 -35.58 8.06
C LYS A 451 5.34 -35.76 6.57
N ALA A 452 4.83 -34.86 5.74
CA ALA A 452 5.08 -34.91 4.30
C ALA A 452 6.56 -34.69 3.93
N LEU A 453 7.26 -33.87 4.72
CA LEU A 453 8.66 -33.54 4.45
C LEU A 453 9.65 -34.36 5.29
N GLY A 454 9.14 -35.29 6.09
CA GLY A 454 9.99 -36.13 6.94
C GLY A 454 10.63 -35.38 8.08
N LEU A 455 9.92 -34.37 8.60
CA LEU A 455 10.38 -33.59 9.74
C LEU A 455 9.61 -34.02 10.99
N PRO A 456 10.15 -33.73 12.19
CA PRO A 456 9.43 -34.05 13.43
C PRO A 456 8.14 -33.25 13.57
N GLU A 457 7.09 -33.88 14.06
CA GLU A 457 5.83 -33.18 14.31
C GLU A 457 5.93 -32.40 15.62
N THR A 458 5.37 -31.18 15.63
CA THR A 458 5.42 -30.31 16.80
C THR A 458 4.02 -30.12 17.39
N GLN A 459 3.93 -29.44 18.52
CA GLN A 459 2.66 -29.31 19.26
C GLN A 459 2.39 -27.87 19.73
N TYR A 460 2.72 -26.90 18.89
CA TYR A 460 2.48 -25.49 19.22
C TYR A 460 0.97 -25.19 19.21
N THR A 461 0.51 -24.44 20.20
CA THR A 461 -0.86 -23.93 20.21
C THR A 461 -0.94 -22.68 19.33
N LEU A 462 -2.15 -22.26 18.99
CA LEU A 462 -2.35 -21.00 18.27
C LEU A 462 -1.87 -19.80 19.11
N LYS A 463 -2.06 -19.89 20.43
CA LYS A 463 -1.55 -18.87 21.35
C LYS A 463 -0.03 -18.71 21.25
N GLN A 464 0.66 -19.81 20.93
CA GLN A 464 2.12 -19.80 20.78
CA GLN A 464 2.11 -19.81 20.78
C GLN A 464 2.55 -19.44 19.36
N LEU A 465 1.84 -19.96 18.35
CA LEU A 465 2.23 -19.76 16.95
CA LEU A 465 2.21 -19.77 16.93
C LEU A 465 1.87 -18.38 16.41
N LEU A 466 0.70 -17.86 16.77
CA LEU A 466 0.22 -16.61 16.17
C LEU A 466 1.05 -15.37 16.50
N PRO A 467 1.42 -15.17 17.78
CA PRO A 467 2.24 -14.01 18.12
C PRO A 467 3.72 -14.23 17.77
N SER A 468 4.00 -14.10 16.48
CA SER A 468 5.34 -14.29 15.94
C SER A 468 5.34 -13.70 14.55
N THR A 469 6.52 -13.48 14.01
CA THR A 469 6.64 -13.00 12.63
C THR A 469 6.05 -14.03 11.64
N ILE A 470 6.26 -15.33 11.91
CA ILE A 470 5.60 -16.39 11.11
C ILE A 470 4.07 -16.25 11.19
N GLY A 471 3.55 -16.10 12.40
CA GLY A 471 2.10 -15.95 12.61
C GLY A 471 1.52 -14.73 11.92
N ARG A 472 2.26 -13.62 11.94
CA ARG A 472 1.80 -12.38 11.32
C ARG A 472 1.72 -12.54 9.80
N THR A 473 2.67 -13.28 9.25
CA THR A 473 2.73 -13.57 7.81
C THR A 473 1.61 -14.54 7.42
N LEU A 474 1.36 -15.54 8.26
CA LEU A 474 0.26 -16.49 8.07
C LEU A 474 -1.10 -15.80 8.06
N ALA A 475 -1.35 -14.95 9.05
CA ALA A 475 -2.65 -14.29 9.16
C ALA A 475 -2.98 -13.48 7.90
N ARG A 476 -1.98 -12.82 7.33
CA ARG A 476 -2.16 -12.06 6.09
C ARG A 476 -2.63 -12.96 4.95
N ALA A 477 -2.00 -14.12 4.82
CA ALA A 477 -2.36 -15.07 3.75
C ALA A 477 -3.77 -15.61 3.94
N LEU A 478 -4.10 -16.00 5.17
CA LEU A 478 -5.44 -16.48 5.47
C LEU A 478 -6.49 -15.41 5.19
N GLU A 479 -6.19 -14.17 5.56
CA GLU A 479 -7.12 -13.07 5.33
C GLU A 479 -7.37 -12.86 3.83
N SER A 480 -6.32 -12.95 3.03
CA SER A 480 -6.47 -12.87 1.57
C SER A 480 -7.46 -13.92 1.09
N GLN A 481 -7.26 -15.17 1.52
CA GLN A 481 -8.15 -16.26 1.14
C GLN A 481 -9.60 -15.98 1.56
N TYR A 482 -9.79 -15.58 2.81
CA TYR A 482 -11.13 -15.27 3.35
C TYR A 482 -11.81 -14.15 2.57
N CYS A 483 -11.05 -13.10 2.26
CA CYS A 483 -11.60 -11.98 1.48
C CYS A 483 -12.05 -12.43 0.07
N GLY A 484 -11.28 -13.31 -0.55
CA GLY A 484 -11.68 -13.86 -1.86
C GLY A 484 -12.98 -14.62 -1.75
N GLU A 485 -13.11 -15.44 -0.71
CA GLU A 485 -14.34 -16.21 -0.47
C GLU A 485 -15.53 -15.29 -0.24
N MET A 486 -15.32 -14.25 0.57
CA MET A 486 -16.41 -13.31 0.89
C MET A 486 -16.88 -12.54 -0.33
N MET A 487 -15.98 -12.06 -1.18
CA MET A 487 -16.44 -11.27 -2.32
C MET A 487 -17.13 -12.13 -3.39
N HIS A 488 -16.81 -13.43 -3.42
CA HIS A 488 -17.55 -14.41 -4.23
C HIS A 488 -19.01 -14.42 -3.81
N SER A 489 -19.25 -14.42 -2.50
CA SER A 489 -20.62 -14.34 -1.96
CA SER A 489 -20.61 -14.34 -1.94
C SER A 489 -21.26 -12.99 -2.26
N ASP A 490 -20.51 -11.91 -2.05
CA ASP A 490 -21.01 -10.56 -2.35
C ASP A 490 -21.46 -10.42 -3.80
N TRP A 491 -20.68 -11.00 -4.71
CA TRP A 491 -21.02 -10.97 -6.14
C TRP A 491 -22.37 -11.60 -6.38
N HIS A 492 -22.59 -12.77 -5.78
CA HIS A 492 -23.88 -13.45 -5.92
C HIS A 492 -25.02 -12.63 -5.37
N ASP A 493 -24.80 -11.98 -4.22
CA ASP A 493 -25.82 -11.12 -3.63
C ASP A 493 -26.13 -9.90 -4.52
N LEU A 494 -25.08 -9.32 -5.10
CA LEU A 494 -25.23 -8.16 -6.00
C LEU A 494 -26.08 -8.52 -7.22
N VAL A 495 -25.70 -9.60 -7.89
CA VAL A 495 -26.40 -10.02 -9.11
C VAL A 495 -27.83 -10.42 -8.81
N ALA A 496 -28.04 -11.11 -7.69
CA ALA A 496 -29.41 -11.49 -7.28
C ALA A 496 -30.27 -10.26 -6.99
N ASN A 497 -29.70 -9.27 -6.31
CA ASN A 497 -30.42 -8.03 -6.00
C ASN A 497 -30.82 -7.27 -7.27
N ILE A 498 -29.90 -7.20 -8.23
CA ILE A 498 -30.15 -6.52 -9.49
C ILE A 498 -31.24 -7.27 -10.26
N ARG A 499 -31.14 -8.58 -10.32
CA ARG A 499 -32.12 -9.40 -11.04
C ARG A 499 -33.50 -9.33 -10.37
N ALA A 500 -33.53 -9.08 -9.06
CA ALA A 500 -34.80 -8.89 -8.35
C ALA A 500 -35.45 -7.52 -8.63
N GLY A 501 -34.73 -6.64 -9.32
CA GLY A 501 -35.29 -5.37 -9.77
C GLY A 501 -34.68 -4.12 -9.15
N ASP A 502 -33.78 -4.27 -8.18
CA ASP A 502 -33.14 -3.12 -7.55
C ASP A 502 -31.84 -2.78 -8.28
N THR A 503 -31.85 -1.70 -9.04
CA THR A 503 -30.67 -1.27 -9.80
C THR A 503 -30.02 -0.01 -9.23
N ALA A 504 -30.50 0.48 -8.09
CA ALA A 504 -30.00 1.73 -7.51
C ALA A 504 -28.54 1.64 -7.10
N THR A 505 -27.78 2.69 -7.39
CA THR A 505 -26.36 2.77 -7.03
C THR A 505 -25.96 4.02 -6.24
N ALA A 506 -26.81 5.05 -6.20
CA ALA A 506 -26.49 6.27 -5.45
C ALA A 506 -27.71 6.89 -4.79
N ASN A 507 -27.53 7.34 -3.55
CA ASN A 507 -28.49 8.15 -2.83
C ASN A 507 -28.05 9.60 -2.97
N VAL A 508 -28.82 10.41 -3.68
CA VAL A 508 -28.47 11.82 -3.92
C VAL A 508 -29.30 12.81 -3.09
N ASP A 509 -30.08 12.31 -2.13
CA ASP A 509 -30.96 13.16 -1.33
C ASP A 509 -30.20 14.32 -0.66
N LYS A 510 -29.00 14.02 -0.17
CA LYS A 510 -28.17 15.04 0.49
C LYS A 510 -26.88 15.35 -0.27
N TRP A 511 -26.92 15.22 -1.60
CA TRP A 511 -25.76 15.58 -2.42
C TRP A 511 -25.49 17.08 -2.37
N ASP A 512 -26.55 17.88 -2.47
CA ASP A 512 -26.41 19.34 -2.50
C ASP A 512 -26.19 19.88 -1.09
N PRO A 513 -25.12 20.69 -0.90
CA PRO A 513 -24.83 21.20 0.45
C PRO A 513 -25.89 22.12 1.06
N ALA A 514 -26.80 22.65 0.25
CA ALA A 514 -27.95 23.38 0.77
C ALA A 514 -28.83 22.49 1.69
N THR A 515 -28.73 21.17 1.54
CA THR A 515 -29.49 20.22 2.37
C THR A 515 -28.79 19.86 3.69
N TRP A 516 -27.54 20.28 3.86
CA TRP A 516 -26.74 19.82 4.99
C TRP A 516 -27.02 20.58 6.25
N PRO A 517 -26.81 19.92 7.42
CA PRO A 517 -26.76 20.70 8.64
C PRO A 517 -25.57 21.68 8.57
N LEU A 518 -25.70 22.83 9.24
CA LEU A 518 -24.69 23.89 9.14
C LEU A 518 -23.36 23.52 9.81
N GLN A 519 -23.41 22.55 10.72
CA GLN A 519 -22.21 21.89 11.18
C GLN A 519 -22.50 20.43 11.44
N ALA A 520 -21.46 19.61 11.35
CA ALA A 520 -21.59 18.18 11.57
C ALA A 520 -20.22 17.57 11.76
N LYS A 521 -20.19 16.41 12.42
CA LYS A 521 -18.97 15.62 12.54
C LYS A 521 -19.27 14.18 12.20
N GLY A 522 -18.29 13.51 11.62
CA GLY A 522 -18.44 12.12 11.25
C GLY A 522 -17.14 11.36 11.32
N VAL A 523 -17.27 10.04 11.36
CA VAL A 523 -16.12 9.16 11.34
C VAL A 523 -16.40 8.00 10.40
N GLY A 524 -15.38 7.62 9.63
CA GLY A 524 -15.44 6.44 8.78
C GLY A 524 -14.30 5.53 9.13
N THR A 525 -14.59 4.25 9.33
CA THR A 525 -13.55 3.26 9.61
C THR A 525 -13.56 2.17 8.57
N VAL A 526 -12.38 1.59 8.36
CA VAL A 526 -12.15 0.55 7.36
C VAL A 526 -11.14 -0.43 7.93
N ALA A 527 -11.38 -1.72 7.74
CA ALA A 527 -10.34 -2.72 8.00
C ALA A 527 -9.46 -2.76 6.75
N ALA A 528 -8.51 -1.84 6.70
CA ALA A 528 -7.59 -1.73 5.57
C ALA A 528 -6.63 -2.91 5.61
N PRO A 529 -5.92 -3.18 4.49
CA PRO A 529 -5.03 -4.32 4.45
C PRO A 529 -4.05 -4.42 5.64
N ARG A 530 -3.57 -3.29 6.13
CA ARG A 530 -2.57 -3.28 7.21
C ARG A 530 -3.14 -3.10 8.62
N GLY A 531 -4.45 -2.95 8.75
CA GLY A 531 -5.09 -2.85 10.07
C GLY A 531 -6.18 -1.81 10.12
N ALA A 532 -6.26 -1.13 11.26
CA ALA A 532 -7.39 -0.27 11.61
C ALA A 532 -7.20 1.13 11.03
N LEU A 533 -8.06 1.51 10.08
CA LEU A 533 -8.05 2.83 9.47
C LEU A 533 -9.27 3.63 9.91
N GLY A 534 -9.05 4.89 10.28
CA GLY A 534 -10.15 5.81 10.54
C GLY A 534 -9.88 7.20 9.99
N HIS A 535 -10.94 7.83 9.48
CA HIS A 535 -10.94 9.24 9.08
C HIS A 535 -11.99 9.92 9.90
N TRP A 536 -11.62 11.04 10.52
CA TRP A 536 -12.53 11.84 11.35
C TRP A 536 -12.66 13.22 10.76
N ILE A 537 -13.89 13.63 10.45
CA ILE A 537 -14.14 14.91 9.78
C ILE A 537 -15.08 15.79 10.60
N ARG A 538 -14.81 17.09 10.58
CA ARG A 538 -15.77 18.10 11.04
C ARG A 538 -16.10 18.99 9.84
N ILE A 539 -17.39 19.20 9.61
CA ILE A 539 -17.90 20.03 8.52
C ILE A 539 -18.53 21.29 9.10
N LYS A 540 -18.25 22.44 8.48
CA LYS A 540 -18.87 23.71 8.89
C LYS A 540 -19.20 24.53 7.65
N ASP A 541 -20.47 24.90 7.51
CA ASP A 541 -20.94 25.74 6.40
C ASP A 541 -20.48 25.19 5.04
N GLY A 542 -20.65 23.88 4.87
CA GLY A 542 -20.35 23.21 3.61
C GLY A 542 -18.89 22.89 3.35
N ARG A 543 -18.00 23.25 4.28
CA ARG A 543 -16.56 23.07 4.09
C ARG A 543 -15.96 22.17 5.17
N ILE A 544 -14.79 21.62 4.86
CA ILE A 544 -14.03 20.82 5.82
C ILE A 544 -13.38 21.76 6.83
N GLU A 545 -13.75 21.60 8.10
CA GLU A 545 -13.19 22.38 9.20
CA GLU A 545 -13.17 22.39 9.19
C GLU A 545 -11.97 21.67 9.80
N ASN A 546 -12.10 20.35 9.96
CA ASN A 546 -11.00 19.52 10.43
C ASN A 546 -11.12 18.15 9.78
N TYR A 547 -9.97 17.58 9.42
CA TYR A 547 -9.92 16.25 8.85
C TYR A 547 -8.66 15.59 9.37
N GLN A 548 -8.83 14.52 10.13
CA GLN A 548 -7.71 13.83 10.75
C GLN A 548 -7.79 12.34 10.44
N CYS A 549 -6.65 11.78 10.02
CA CYS A 549 -6.53 10.38 9.69
C CYS A 549 -5.65 9.69 10.71
N VAL A 550 -6.07 8.51 11.14
CA VAL A 550 -5.22 7.63 11.93
C VAL A 550 -5.22 6.31 11.18
N VAL A 551 -4.04 5.91 10.73
CA VAL A 551 -3.89 4.93 9.66
C VAL A 551 -3.17 3.70 10.27
N PRO A 552 -3.35 2.50 9.68
CA PRO A 552 -2.83 1.32 10.36
C PRO A 552 -1.34 1.38 10.67
N THR A 553 -0.52 1.83 9.72
CA THR A 553 0.92 1.91 9.94
C THR A 553 1.26 3.07 10.91
N THR A 554 0.34 4.02 11.10
CA THR A 554 0.51 5.00 12.19
C THR A 554 0.54 4.26 13.53
N TRP A 555 -0.40 3.33 13.75
CA TRP A 555 -0.39 2.50 14.95
C TRP A 555 0.88 1.69 15.02
N ASN A 556 1.15 0.88 14.01
CA ASN A 556 2.22 -0.11 14.13
C ASN A 556 3.61 0.53 14.17
N GLY A 557 3.82 1.56 13.35
CA GLY A 557 5.14 2.21 13.23
C GLY A 557 5.37 3.35 14.19
N SER A 558 4.40 3.57 15.10
CA SER A 558 4.46 4.73 16.00
CA SER A 558 4.41 4.66 16.09
C SER A 558 5.73 4.78 16.85
N PRO A 559 6.21 6.01 17.11
CA PRO A 559 7.30 6.17 18.06
C PRO A 559 6.72 6.12 19.48
N ARG A 560 7.57 6.30 20.48
CA ARG A 560 7.12 6.19 21.87
C ARG A 560 6.15 7.32 22.24
N ASP A 561 5.30 7.03 23.23
CA ASP A 561 4.30 8.01 23.69
C ASP A 561 4.82 8.79 24.90
N TYR A 562 3.96 9.58 25.52
CA TYR A 562 4.34 10.38 26.68
C TYR A 562 4.88 9.52 27.82
N LYS A 563 4.28 8.35 28.05
CA LYS A 563 4.72 7.40 29.08
C LYS A 563 5.95 6.56 28.68
N GLY A 564 6.42 6.72 27.43
CA GLY A 564 7.58 5.99 26.95
C GLY A 564 7.26 4.59 26.45
N GLN A 565 5.97 4.29 26.26
CA GLN A 565 5.57 2.97 25.77
C GLN A 565 5.91 2.85 24.31
N ILE A 566 6.39 1.68 23.93
CA ILE A 566 6.80 1.40 22.56
C ILE A 566 5.65 0.87 21.71
N GLY A 567 5.74 1.13 20.41
CA GLY A 567 4.77 0.66 19.43
C GLY A 567 5.12 -0.71 18.88
N ALA A 568 4.28 -1.21 17.97
CA ALA A 568 4.37 -2.60 17.51
C ALA A 568 5.67 -2.93 16.77
N PHE A 569 6.13 -2.05 15.89
CA PHE A 569 7.41 -2.29 15.17
C PHE A 569 8.55 -2.45 16.17
N GLU A 570 8.68 -1.50 17.08
CA GLU A 570 9.79 -1.50 18.04
C GLU A 570 9.73 -2.74 18.92
N ALA A 571 8.55 -3.08 19.42
CA ALA A 571 8.38 -4.27 20.25
C ALA A 571 8.73 -5.57 19.50
N SER A 572 8.36 -5.63 18.22
CA SER A 572 8.55 -6.86 17.43
C SER A 572 10.02 -7.19 17.18
N LEU A 573 10.87 -6.17 17.13
CA LEU A 573 12.30 -6.38 16.87
C LEU A 573 13.04 -6.81 18.13
N MET A 574 12.50 -6.45 19.29
CA MET A 574 13.16 -6.74 20.55
C MET A 574 13.46 -8.21 20.70
N ASN A 575 14.65 -8.47 21.26
CA ASN A 575 15.07 -9.81 21.69
C ASN A 575 15.25 -10.80 20.54
N THR A 576 15.59 -10.28 19.37
CA THR A 576 15.85 -11.11 18.19
C THR A 576 17.36 -11.15 17.92
N PRO A 577 17.94 -12.37 17.85
CA PRO A 577 19.34 -12.47 17.44
C PRO A 577 19.54 -12.19 15.96
N MET A 578 20.66 -11.56 15.62
CA MET A 578 21.06 -11.35 14.23
C MET A 578 22.28 -12.21 13.95
N VAL A 579 22.25 -12.93 12.83
CA VAL A 579 23.41 -13.71 12.39
C VAL A 579 24.64 -12.80 12.17
N ASN A 580 24.41 -11.66 11.53
CA ASN A 580 25.46 -10.67 11.32
C ASN A 580 24.82 -9.29 11.51
N PRO A 581 25.26 -8.53 12.52
CA PRO A 581 24.61 -7.24 12.81
C PRO A 581 24.68 -6.21 11.66
N GLU A 582 25.61 -6.40 10.72
CA GLU A 582 25.74 -5.53 9.55
C GLU A 582 24.89 -5.96 8.35
N GLN A 583 24.17 -7.07 8.49
CA GLN A 583 23.22 -7.53 7.48
C GLN A 583 21.84 -7.58 8.09
N PRO A 584 20.95 -6.65 7.71
CA PRO A 584 19.66 -6.54 8.43
C PRO A 584 18.58 -7.58 8.04
N VAL A 585 18.97 -8.84 7.82
CA VAL A 585 18.02 -9.86 7.33
C VAL A 585 16.83 -10.06 8.28
N GLU A 586 17.13 -10.21 9.57
CA GLU A 586 16.08 -10.47 10.57
C GLU A 586 15.24 -9.23 10.83
N ILE A 587 15.87 -8.05 10.78
CA ILE A 587 15.18 -6.78 10.95
C ILE A 587 14.16 -6.61 9.83
N LEU A 588 14.61 -6.82 8.59
CA LEU A 588 13.73 -6.72 7.43
C LEU A 588 12.60 -7.77 7.48
N ARG A 589 12.93 -9.01 7.82
CA ARG A 589 11.92 -10.07 7.87
C ARG A 589 10.77 -9.72 8.81
N THR A 590 11.09 -9.22 9.99
CA THR A 590 10.06 -8.89 10.98
C THR A 590 9.34 -7.60 10.62
N LEU A 591 10.08 -6.54 10.28
CA LEU A 591 9.43 -5.27 9.88
C LEU A 591 8.48 -5.52 8.71
N HIS A 592 8.97 -6.23 7.70
CA HIS A 592 8.15 -6.53 6.52
C HIS A 592 6.91 -7.33 6.85
N SER A 593 6.92 -8.11 7.93
CA SER A 593 5.72 -8.88 8.31
C SER A 593 4.52 -8.00 8.70
N PHE A 594 4.78 -6.72 9.00
CA PHE A 594 3.71 -5.73 9.24
C PHE A 594 3.24 -5.07 7.94
N ASP A 595 3.95 -5.32 6.85
CA ASP A 595 3.65 -4.67 5.58
C ASP A 595 3.64 -3.14 5.77
N PRO A 596 4.76 -2.56 6.23
CA PRO A 596 4.76 -1.13 6.52
C PRO A 596 4.44 -0.27 5.29
N CSO A 597 3.50 0.65 5.45
CA CSO A 597 3.21 1.66 4.44
CA CSO A 597 3.21 1.66 4.44
CB CSO A 597 1.78 1.59 3.95
CB CSO A 597 1.78 1.49 3.97
SG CSO A 597 1.53 2.80 2.67
SG CSO A 597 1.47 2.31 2.43
C CSO A 597 3.47 3.00 5.06
O CSO A 597 2.68 3.49 5.86
OD CSO A 597 1.57 1.73 1.31
OD CSO A 597 1.80 3.98 2.73
N LEU A 598 4.60 3.59 4.71
CA LEU A 598 5.05 4.79 5.40
C LEU A 598 4.33 6.05 4.92
N ALA A 599 3.92 6.07 3.64
CA ALA A 599 3.10 7.18 3.14
C ALA A 599 1.76 7.23 3.90
N CYS A 600 1.16 6.06 4.09
CA CYS A 600 -0.04 5.94 4.94
C CYS A 600 0.20 6.42 6.35
N SER A 601 1.32 6.00 6.93
CA SER A 601 1.56 6.24 8.36
C SER A 601 1.64 7.72 8.69
N THR A 602 2.15 8.50 7.74
CA THR A 602 2.42 9.93 7.93
C THR A 602 1.40 10.84 7.24
N HIS A 603 0.94 10.44 6.05
CA HIS A 603 -0.03 11.22 5.26
C HIS A 603 0.22 12.72 5.29
N PRO B 5 24.17 -5.76 -23.11
CA PRO B 5 23.94 -5.03 -21.86
C PRO B 5 22.61 -4.27 -21.83
N ARG B 6 21.94 -4.29 -20.68
CA ARG B 6 20.65 -3.62 -20.51
C ARG B 6 20.87 -2.30 -19.79
N THR B 7 20.21 -1.24 -20.27
CA THR B 7 20.42 0.10 -19.70
C THR B 7 20.02 0.15 -18.24
N PRO B 8 20.94 0.59 -17.37
CA PRO B 8 20.56 0.75 -15.96
C PRO B 8 19.51 1.82 -15.76
N VAL B 9 18.55 1.51 -14.90
CA VAL B 9 17.59 2.49 -14.41
C VAL B 9 17.73 2.60 -12.91
N LEU B 10 17.93 3.82 -12.44
CA LEU B 10 17.92 4.14 -11.04
C LEU B 10 16.58 4.86 -10.77
N TRP B 11 15.70 4.18 -10.04
CA TRP B 11 14.36 4.66 -9.79
C TRP B 11 14.31 5.20 -8.39
N LEU B 12 14.32 6.52 -8.26
CA LEU B 12 14.28 7.19 -6.96
C LEU B 12 12.85 7.50 -6.56
N HIS B 13 12.62 7.58 -5.25
CA HIS B 13 11.33 7.90 -4.66
C HIS B 13 11.45 9.07 -3.71
N GLY B 14 10.72 10.15 -3.99
CA GLY B 14 10.65 11.30 -3.07
C GLY B 14 9.39 11.23 -2.24
N LEU B 15 8.73 12.37 -2.06
CA LEU B 15 7.38 12.39 -1.47
C LEU B 15 6.42 11.87 -2.53
N GLU B 16 5.66 10.83 -2.17
CA GLU B 16 4.87 10.08 -3.12
CA GLU B 16 4.85 10.08 -3.12
C GLU B 16 3.85 9.23 -2.39
N CYS B 17 2.91 8.65 -3.15
CA CYS B 17 2.00 7.64 -2.63
C CYS B 17 2.26 6.25 -3.24
N THR B 18 3.23 6.18 -4.17
CA THR B 18 3.66 4.94 -4.84
C THR B 18 2.69 4.41 -5.93
N CYS B 19 1.71 5.24 -6.33
CA CYS B 19 0.78 4.83 -7.39
C CYS B 19 1.47 4.60 -8.74
N CYS B 20 2.54 5.33 -9.01
CA CYS B 20 3.20 5.22 -10.32
C CYS B 20 3.95 3.88 -10.42
N SER B 21 4.62 3.48 -9.34
CA SER B 21 5.25 2.16 -9.28
C SER B 21 4.23 1.06 -9.44
N GLU B 22 3.09 1.22 -8.78
CA GLU B 22 2.02 0.22 -8.88
C GLU B 22 1.46 0.18 -10.29
N SER B 23 1.22 1.34 -10.90
CA SER B 23 0.72 1.36 -12.28
C SER B 23 1.71 0.66 -13.23
N PHE B 24 3.00 0.95 -13.08
CA PHE B 24 4.03 0.33 -13.93
C PHE B 24 3.90 -1.20 -13.99
N ILE B 25 3.70 -1.85 -12.83
CA ILE B 25 3.61 -3.33 -12.82
C ILE B 25 2.27 -3.88 -13.33
N ARG B 26 1.31 -3.01 -13.63
CA ARG B 26 0.06 -3.44 -14.29
C ARG B 26 0.23 -3.61 -15.81
N SER B 27 1.35 -3.16 -16.37
CA SER B 27 1.53 -3.17 -17.82
C SER B 27 1.37 -4.58 -18.39
N ALA B 28 0.52 -4.71 -19.41
CA ALA B 28 0.29 -5.98 -20.10
C ALA B 28 1.18 -6.13 -21.33
N HIS B 29 1.50 -5.01 -21.98
CA HIS B 29 2.30 -5.01 -23.21
C HIS B 29 3.23 -3.83 -23.21
N PRO B 30 4.50 -4.03 -22.82
CA PRO B 30 5.12 -5.27 -22.33
C PRO B 30 4.79 -5.56 -20.87
N LEU B 31 5.00 -6.81 -20.46
CA LEU B 31 4.91 -7.18 -19.06
C LEU B 31 6.03 -6.51 -18.27
N ALA B 32 5.74 -6.09 -17.04
CA ALA B 32 6.76 -5.52 -16.17
C ALA B 32 7.87 -6.55 -15.91
N LYS B 33 7.49 -7.82 -15.80
CA LYS B 33 8.45 -8.92 -15.64
C LYS B 33 9.49 -8.89 -16.77
N ASP B 34 9.03 -8.77 -18.00
CA ASP B 34 9.94 -8.76 -19.16
C ASP B 34 10.77 -7.48 -19.21
N VAL B 35 10.19 -6.36 -18.79
CA VAL B 35 10.94 -5.10 -18.73
C VAL B 35 12.12 -5.22 -17.78
N VAL B 36 11.85 -5.73 -16.57
CA VAL B 36 12.87 -5.87 -15.53
C VAL B 36 13.92 -6.94 -15.87
N LEU B 37 13.48 -8.07 -16.42
CA LEU B 37 14.39 -9.20 -16.70
C LEU B 37 15.14 -9.06 -18.03
N SER B 38 14.54 -8.41 -19.03
CA SER B 38 15.07 -8.45 -20.40
C SER B 38 15.33 -7.11 -21.11
N MET B 39 14.82 -5.99 -20.56
CA MET B 39 14.93 -4.69 -21.24
CA MET B 39 14.93 -4.68 -21.24
C MET B 39 15.83 -3.69 -20.49
N ILE B 40 15.52 -3.46 -19.21
CA ILE B 40 16.33 -2.56 -18.37
C ILE B 40 17.09 -3.37 -17.34
N SER B 41 18.02 -2.71 -16.64
CA SER B 41 18.57 -3.24 -15.40
C SER B 41 18.11 -2.32 -14.28
N LEU B 42 17.11 -2.76 -13.54
CA LEU B 42 16.53 -1.96 -12.47
C LEU B 42 17.39 -2.13 -11.23
N ASP B 43 18.38 -1.26 -11.10
CA ASP B 43 19.47 -1.44 -10.13
C ASP B 43 19.21 -0.79 -8.78
N TYR B 44 18.33 0.21 -8.76
CA TYR B 44 17.92 0.82 -7.50
C TYR B 44 16.46 1.20 -7.57
N ASP B 45 15.69 0.66 -6.62
CA ASP B 45 14.28 0.93 -6.51
C ASP B 45 13.84 0.45 -5.13
N ASP B 46 13.53 1.40 -4.24
CA ASP B 46 13.22 1.08 -2.83
C ASP B 46 12.09 0.05 -2.69
N THR B 47 11.14 0.08 -3.64
CA THR B 47 9.96 -0.79 -3.57
C THR B 47 10.26 -2.29 -3.69
N LEU B 48 11.21 -2.66 -4.56
CA LEU B 48 11.45 -4.07 -4.92
CA LEU B 48 11.43 -4.09 -4.87
C LEU B 48 12.85 -4.60 -4.58
N MET B 49 13.79 -3.71 -4.29
CA MET B 49 15.21 -4.12 -4.18
C MET B 49 15.51 -4.97 -2.94
N ALA B 50 16.39 -5.96 -3.10
CA ALA B 50 16.77 -6.89 -2.03
C ALA B 50 17.58 -6.19 -0.94
N ALA B 51 18.56 -5.39 -1.36
CA ALA B 51 19.44 -4.70 -0.43
C ALA B 51 18.73 -3.55 0.28
N ALA B 52 19.14 -3.31 1.53
CA ALA B 52 18.65 -2.18 2.32
C ALA B 52 19.83 -1.36 2.83
N GLY B 53 19.51 -0.20 3.39
CA GLY B 53 20.50 0.60 4.13
C GLY B 53 21.78 0.86 3.38
N HIS B 54 22.90 0.54 4.02
CA HIS B 54 24.21 0.80 3.47
C HIS B 54 24.46 0.06 2.17
N GLN B 55 23.92 -1.15 2.07
CA GLN B 55 24.12 -1.98 0.87
C GLN B 55 23.34 -1.42 -0.33
N ALA B 56 22.16 -0.87 -0.06
CA ALA B 56 21.36 -0.21 -1.09
C ALA B 56 22.03 1.09 -1.56
N GLU B 57 22.50 1.90 -0.60
CA GLU B 57 23.20 3.16 -0.90
C GLU B 57 24.41 2.95 -1.80
N ALA B 58 25.15 1.88 -1.52
CA ALA B 58 26.38 1.53 -2.26
C ALA B 58 26.13 1.27 -3.74
N ILE B 59 24.94 0.80 -4.08
CA ILE B 59 24.59 0.52 -5.48
C ILE B 59 24.66 1.79 -6.35
N LEU B 60 24.17 2.92 -5.83
CA LEU B 60 24.11 4.16 -6.62
C LEU B 60 25.47 4.59 -7.17
N GLU B 61 26.47 4.69 -6.29
CA GLU B 61 27.81 5.11 -6.73
CA GLU B 61 27.82 5.09 -6.70
C GLU B 61 28.43 4.09 -7.69
N GLU B 62 28.17 2.79 -7.46
CA GLU B 62 28.71 1.76 -8.35
C GLU B 62 28.19 1.92 -9.78
N ILE B 63 26.87 2.10 -9.90
CA ILE B 63 26.25 2.24 -11.22
C ILE B 63 26.62 3.56 -11.89
N MET B 64 26.62 4.64 -11.11
CA MET B 64 26.94 5.98 -11.64
C MET B 64 28.36 6.06 -12.21
N THR B 65 29.29 5.35 -11.57
CA THR B 65 30.67 5.28 -12.04
C THR B 65 30.79 4.42 -13.30
N LYS B 66 30.31 3.18 -13.20
CA LYS B 66 30.44 2.21 -14.28
C LYS B 66 29.67 2.61 -15.54
N TYR B 67 28.53 3.27 -15.36
CA TYR B 67 27.66 3.66 -16.48
C TYR B 67 27.46 5.17 -16.60
N LYS B 68 28.52 5.93 -16.27
CA LYS B 68 28.47 7.39 -16.29
C LYS B 68 27.94 7.93 -17.61
N GLY B 69 26.89 8.76 -17.53
CA GLY B 69 26.26 9.35 -18.70
C GLY B 69 25.51 8.34 -19.56
N ASN B 70 25.24 7.17 -19.00
CA ASN B 70 24.61 6.09 -19.76
C ASN B 70 23.63 5.26 -18.92
N TYR B 71 23.05 5.89 -17.90
CA TYR B 71 21.92 5.32 -17.17
C TYR B 71 20.75 6.29 -17.19
N ILE B 72 19.55 5.77 -16.96
CA ILE B 72 18.34 6.56 -16.88
C ILE B 72 18.00 6.78 -15.41
N LEU B 73 17.74 8.04 -15.04
CA LEU B 73 17.17 8.36 -13.73
C LEU B 73 15.67 8.48 -13.89
N ALA B 74 14.92 7.62 -13.19
CA ALA B 74 13.47 7.73 -13.11
C ALA B 74 13.13 8.25 -11.71
N VAL B 75 12.29 9.27 -11.64
CA VAL B 75 11.89 9.85 -10.37
C VAL B 75 10.38 9.73 -10.18
N GLU B 76 9.99 9.07 -9.09
CA GLU B 76 8.63 9.04 -8.61
C GLU B 76 8.58 9.93 -7.38
N GLY B 77 7.55 10.74 -7.26
CA GLY B 77 7.47 11.67 -6.16
C GLY B 77 8.28 12.93 -6.39
N ASN B 78 8.42 13.72 -5.34
CA ASN B 78 9.11 14.99 -5.44
C ASN B 78 9.83 15.42 -4.16
N PRO B 79 10.77 16.37 -4.28
CA PRO B 79 11.48 16.88 -3.11
C PRO B 79 10.72 18.01 -2.40
N PRO B 80 10.64 17.96 -1.06
CA PRO B 80 10.16 19.10 -0.28
C PRO B 80 11.29 20.07 0.03
N LEU B 81 11.01 21.37 -0.04
CA LEU B 81 12.01 22.40 0.29
C LEU B 81 11.84 22.94 1.72
N ASN B 82 10.66 22.75 2.31
CA ASN B 82 10.47 23.15 3.71
C ASN B 82 11.05 22.11 4.67
N GLN B 83 11.04 22.43 5.96
CA GLN B 83 11.62 21.57 6.99
C GLN B 83 13.10 21.21 6.69
N ASP B 84 13.82 22.17 6.07
CA ASP B 84 15.21 21.96 5.62
C ASP B 84 15.36 20.70 4.74
N GLY B 85 14.30 20.36 4.02
CA GLY B 85 14.28 19.17 3.17
C GLY B 85 14.07 17.85 3.91
N MET B 86 13.95 17.91 5.25
CA MET B 86 13.90 16.70 6.06
C MET B 86 12.48 16.21 6.33
N SER B 87 11.52 16.76 5.60
CA SER B 87 10.21 16.11 5.46
C SER B 87 10.28 14.96 4.42
N CYS B 88 11.46 14.77 3.81
CA CYS B 88 11.75 13.51 3.08
C CYS B 88 13.23 13.15 3.25
N ILE B 89 13.48 12.18 4.12
CA ILE B 89 14.84 11.83 4.53
C ILE B 89 15.24 10.48 3.94
N ILE B 90 16.40 10.43 3.28
CA ILE B 90 16.97 9.19 2.77
C ILE B 90 18.43 9.09 3.23
N GLY B 91 18.75 8.02 3.94
CA GLY B 91 20.11 7.84 4.47
C GLY B 91 20.55 8.98 5.39
N GLY B 92 19.61 9.47 6.19
CA GLY B 92 19.89 10.56 7.14
C GLY B 92 20.00 11.95 6.53
N ARG B 93 19.76 12.07 5.23
CA ARG B 93 19.95 13.34 4.51
C ARG B 93 18.69 13.69 3.70
N PRO B 94 18.55 14.97 3.32
CA PRO B 94 17.37 15.34 2.51
C PRO B 94 17.34 14.64 1.17
N PHE B 95 16.15 14.22 0.74
CA PHE B 95 15.97 13.59 -0.56
C PHE B 95 16.54 14.44 -1.69
N ILE B 96 16.37 15.75 -1.61
CA ILE B 96 16.84 16.65 -2.67
C ILE B 96 18.34 16.47 -2.95
N GLU B 97 19.11 16.13 -1.92
CA GLU B 97 20.54 15.87 -2.09
C GLU B 97 20.79 14.57 -2.88
N GLN B 98 19.99 13.53 -2.63
CA GLN B 98 20.08 12.30 -3.42
C GLN B 98 19.70 12.56 -4.87
N LEU B 99 18.59 13.28 -5.07
CA LEU B 99 18.09 13.61 -6.40
C LEU B 99 19.15 14.32 -7.25
N LYS B 100 19.75 15.36 -6.68
CA LYS B 100 20.77 16.14 -7.39
C LYS B 100 22.02 15.31 -7.69
N TYR B 101 22.40 14.45 -6.74
CA TYR B 101 23.57 13.57 -6.89
C TYR B 101 23.41 12.60 -8.07
N VAL B 102 22.29 11.89 -8.10
CA VAL B 102 22.05 10.89 -9.13
C VAL B 102 21.75 11.55 -10.49
N ALA B 103 21.14 12.73 -10.45
CA ALA B 103 20.78 13.44 -11.69
C ALA B 103 22.00 13.89 -12.49
N LYS B 104 23.10 14.20 -11.81
CA LYS B 104 24.23 14.88 -12.46
C LYS B 104 24.87 14.09 -13.62
N ASP B 105 24.85 12.76 -13.53
CA ASP B 105 25.48 11.91 -14.57
C ASP B 105 24.47 11.04 -15.33
N ALA B 106 23.19 11.37 -15.25
CA ALA B 106 22.15 10.63 -15.98
C ALA B 106 22.13 11.03 -17.46
N LYS B 107 21.87 10.06 -18.32
CA LYS B 107 21.71 10.33 -19.77
CA LYS B 107 21.70 10.30 -19.76
C LYS B 107 20.36 11.00 -20.03
N ALA B 108 19.35 10.63 -19.24
CA ALA B 108 18.01 11.19 -19.35
C ALA B 108 17.30 11.04 -18.02
N ILE B 109 16.32 11.91 -17.77
CA ILE B 109 15.54 11.89 -16.53
C ILE B 109 14.05 11.76 -16.87
N ILE B 110 13.39 10.75 -16.31
CA ILE B 110 11.94 10.57 -16.45
C ILE B 110 11.28 11.06 -15.16
N SER B 111 10.39 12.05 -15.28
CA SER B 111 9.53 12.47 -14.16
C SER B 111 8.24 11.66 -14.24
N TRP B 112 8.16 10.59 -13.45
CA TRP B 112 6.94 9.75 -13.42
C TRP B 112 5.83 10.43 -12.69
N GLY B 113 4.66 10.47 -13.32
CA GLY B 113 3.44 10.90 -12.65
C GLY B 113 3.36 12.39 -12.36
N SER B 114 2.21 12.80 -11.87
CA SER B 114 1.96 14.19 -11.56
C SER B 114 2.86 14.70 -10.41
N CYS B 115 3.24 13.83 -9.48
CA CYS B 115 4.12 14.23 -8.38
C CYS B 115 5.43 14.80 -8.93
N ALA B 116 6.12 13.99 -9.71
CA ALA B 116 7.44 14.39 -10.22
C ALA B 116 7.29 15.48 -11.27
N SER B 117 6.22 15.41 -12.07
CA SER B 117 6.00 16.35 -13.16
C SER B 117 5.61 17.74 -12.70
N TRP B 118 4.67 17.82 -11.74
CA TRP B 118 4.05 19.10 -11.37
C TRP B 118 3.93 19.36 -9.88
N GLY B 119 3.85 18.31 -9.06
CA GLY B 119 3.73 18.47 -7.60
C GLY B 119 2.68 17.56 -6.99
N CYS B 120 1.58 17.37 -7.72
CA CYS B 120 0.41 16.56 -7.30
C CYS B 120 -0.12 16.93 -5.89
N VAL B 121 -0.64 15.96 -5.15
CA VAL B 121 -1.52 16.28 -4.02
C VAL B 121 -0.80 17.04 -2.90
N GLN B 122 0.44 16.67 -2.62
CA GLN B 122 1.21 17.36 -1.56
C GLN B 122 1.52 18.82 -1.91
N ALA B 123 1.48 19.17 -3.19
CA ALA B 123 1.73 20.53 -3.63
C ALA B 123 0.43 21.36 -3.72
N ALA B 124 -0.72 20.72 -3.47
CA ALA B 124 -1.98 21.43 -3.42
C ALA B 124 -1.96 22.42 -2.25
N LYS B 125 -2.72 23.50 -2.38
CA LYS B 125 -2.70 24.56 -1.36
C LYS B 125 -3.03 23.99 0.02
N PRO B 126 -2.27 24.39 1.07
CA PRO B 126 -1.20 25.39 1.11
C PRO B 126 0.23 24.83 0.98
N ASN B 127 0.38 23.61 0.47
CA ASN B 127 1.70 22.97 0.26
C ASN B 127 2.63 23.10 1.49
N PRO B 128 2.29 22.43 2.59
CA PRO B 128 3.06 22.61 3.84
C PRO B 128 4.54 22.22 3.74
N THR B 129 4.89 21.30 2.84
CA THR B 129 6.30 20.88 2.69
C THR B 129 7.06 21.61 1.55
N GLN B 130 6.40 22.54 0.86
CA GLN B 130 6.94 23.16 -0.36
CA GLN B 130 6.93 23.15 -0.36
C GLN B 130 7.45 22.06 -1.30
N ALA B 131 6.60 21.07 -1.54
CA ALA B 131 6.87 20.01 -2.49
C ALA B 131 7.00 20.65 -3.87
N THR B 132 8.07 20.29 -4.59
CA THR B 132 8.49 20.98 -5.80
C THR B 132 8.78 19.96 -6.90
N PRO B 133 8.24 20.17 -8.13
CA PRO B 133 8.49 19.18 -9.18
C PRO B 133 9.95 19.13 -9.62
N VAL B 134 10.36 17.99 -10.14
CA VAL B 134 11.77 17.72 -10.44
C VAL B 134 12.41 18.77 -11.36
N HIS B 135 11.69 19.21 -12.38
CA HIS B 135 12.24 20.18 -13.37
C HIS B 135 12.50 21.56 -12.81
N LYS B 136 11.93 21.87 -11.63
CA LYS B 136 12.20 23.16 -10.96
CA LYS B 136 12.22 23.16 -10.97
C LYS B 136 13.45 23.06 -10.07
N VAL B 137 13.93 21.84 -9.82
CA VAL B 137 15.14 21.59 -9.02
C VAL B 137 16.32 21.23 -9.92
N ILE B 138 16.08 20.33 -10.88
CA ILE B 138 17.07 19.93 -11.86
C ILE B 138 16.79 20.70 -13.14
N THR B 139 17.64 21.70 -13.43
CA THR B 139 17.39 22.63 -14.52
C THR B 139 18.40 22.52 -15.68
N ASP B 140 19.33 21.56 -15.59
CA ASP B 140 20.41 21.43 -16.59
C ASP B 140 20.46 20.03 -17.22
N LYS B 141 19.35 19.31 -17.17
CA LYS B 141 19.27 17.94 -17.69
C LYS B 141 17.98 17.76 -18.48
N PRO B 142 18.01 16.90 -19.52
CA PRO B 142 16.80 16.67 -20.29
C PRO B 142 15.79 15.84 -19.49
N ILE B 143 14.57 16.37 -19.34
CA ILE B 143 13.53 15.72 -18.54
C ILE B 143 12.28 15.49 -19.36
N ILE B 144 11.78 14.24 -19.35
CA ILE B 144 10.49 13.91 -19.95
C ILE B 144 9.48 13.77 -18.83
N LYS B 145 8.39 14.52 -18.93
CA LYS B 145 7.29 14.44 -17.96
C LYS B 145 6.27 13.41 -18.43
N VAL B 146 5.84 12.53 -17.52
CA VAL B 146 4.83 11.52 -17.82
C VAL B 146 3.73 11.68 -16.78
N PRO B 147 2.90 12.73 -16.93
CA PRO B 147 1.96 13.08 -15.86
C PRO B 147 0.72 12.18 -15.81
N GLY B 148 -0.07 12.37 -14.76
CA GLY B 148 -1.18 11.47 -14.45
C GLY B 148 -1.00 10.93 -13.05
N CYS B 149 -2.10 10.64 -12.38
CA CYS B 149 -2.08 10.20 -11.00
C CYS B 149 -2.82 8.87 -10.82
N PRO B 150 -2.16 7.75 -11.16
CA PRO B 150 -0.87 7.65 -11.85
C PRO B 150 -1.08 7.73 -13.35
N PRO B 151 0.01 7.72 -14.13
CA PRO B 151 -0.14 7.54 -15.57
C PRO B 151 -0.66 6.14 -15.88
N ILE B 152 -1.20 5.97 -17.08
CA ILE B 152 -1.63 4.66 -17.58
C ILE B 152 -0.40 3.75 -17.65
N ALA B 153 -0.57 2.48 -17.28
CA ALA B 153 0.55 1.53 -17.21
C ALA B 153 1.30 1.45 -18.53
N GLU B 154 0.56 1.28 -19.64
CA GLU B 154 1.18 1.14 -20.96
C GLU B 154 1.81 2.42 -21.47
N VAL B 155 1.38 3.57 -20.95
CA VAL B 155 2.04 4.83 -21.26
C VAL B 155 3.43 4.82 -20.61
N MET B 156 3.50 4.39 -19.35
CA MET B 156 4.78 4.30 -18.64
C MET B 156 5.75 3.36 -19.33
N THR B 157 5.31 2.13 -19.61
CA THR B 157 6.18 1.16 -20.26
C THR B 157 6.43 1.52 -21.73
N GLY B 158 5.48 2.22 -22.35
CA GLY B 158 5.65 2.73 -23.70
C GLY B 158 6.78 3.75 -23.78
N VAL B 159 6.89 4.62 -22.79
CA VAL B 159 7.99 5.58 -22.73
C VAL B 159 9.34 4.86 -22.59
N ILE B 160 9.41 3.91 -21.65
CA ILE B 160 10.64 3.13 -21.45
C ILE B 160 11.03 2.39 -22.73
N THR B 161 10.06 1.75 -23.37
CA THR B 161 10.30 0.95 -24.56
C THR B 161 10.89 1.82 -25.68
N TYR B 162 10.31 3.00 -25.87
CA TYR B 162 10.81 3.94 -26.88
C TYR B 162 12.25 4.34 -26.56
N MET B 163 12.48 4.74 -25.32
CA MET B 163 13.81 5.20 -24.92
C MET B 163 14.89 4.12 -25.08
N LEU B 164 14.54 2.87 -24.77
CA LEU B 164 15.48 1.76 -24.86
CA LEU B 164 15.50 1.76 -24.86
C LEU B 164 15.75 1.38 -26.31
N THR B 165 14.70 1.35 -27.11
CA THR B 165 14.85 0.98 -28.52
C THR B 165 15.70 1.99 -29.28
N PHE B 166 15.45 3.27 -29.06
CA PHE B 166 16.02 4.32 -29.90
C PHE B 166 17.15 5.12 -29.24
N ASP B 167 17.38 4.90 -27.95
CA ASP B 167 18.38 5.69 -27.20
C ASP B 167 18.13 7.19 -27.39
N ARG B 168 16.85 7.55 -27.35
CA ARG B 168 16.39 8.93 -27.56
C ARG B 168 15.16 9.18 -26.71
N ILE B 169 14.98 10.42 -26.29
CA ILE B 169 13.71 10.87 -25.71
C ILE B 169 12.73 11.10 -26.87
N PRO B 170 11.47 10.63 -26.74
CA PRO B 170 10.52 10.90 -27.83
C PRO B 170 10.16 12.38 -27.96
N GLU B 171 9.50 12.75 -29.05
CA GLU B 171 9.11 14.14 -29.27
C GLU B 171 8.18 14.60 -28.16
N LEU B 172 8.47 15.78 -27.61
CA LEU B 172 7.72 16.34 -26.49
C LEU B 172 6.95 17.57 -26.91
N ASP B 173 5.81 17.81 -26.24
CA ASP B 173 5.09 19.06 -26.36
C ASP B 173 5.78 20.16 -25.52
N ARG B 174 5.23 21.38 -25.53
CA ARG B 174 5.86 22.49 -24.82
C ARG B 174 5.99 22.26 -23.31
N GLN B 175 5.09 21.44 -22.75
CA GLN B 175 5.14 21.09 -21.33
C GLN B 175 6.04 19.89 -21.02
N GLY B 176 6.74 19.36 -22.02
CA GLY B 176 7.69 18.27 -21.80
C GLY B 176 7.08 16.88 -21.77
N ARG B 177 5.85 16.75 -22.26
CA ARG B 177 5.13 15.47 -22.26
C ARG B 177 5.27 14.82 -23.62
N PRO B 178 5.40 13.47 -23.66
CA PRO B 178 5.54 12.80 -24.97
C PRO B 178 4.29 12.93 -25.83
N LYS B 179 4.44 13.48 -27.02
CA LYS B 179 3.32 13.67 -27.95
C LYS B 179 2.63 12.35 -28.33
N MET B 180 3.38 11.25 -28.32
CA MET B 180 2.81 9.94 -28.70
C MET B 180 1.73 9.45 -27.73
N PHE B 181 1.69 10.01 -26.51
CA PHE B 181 0.68 9.65 -25.52
C PHE B 181 -0.21 10.81 -25.05
N TYR B 182 0.26 12.07 -25.16
CA TYR B 182 -0.46 13.22 -24.58
C TYR B 182 -0.92 14.28 -25.61
N SER B 183 -1.07 13.89 -26.88
CA SER B 183 -1.47 14.83 -27.92
CA SER B 183 -1.47 14.83 -27.92
C SER B 183 -2.98 15.11 -27.96
N GLN B 184 -3.77 14.19 -27.38
CA GLN B 184 -5.24 14.32 -27.39
C GLN B 184 -5.77 14.66 -26.01
N ARG B 185 -6.82 15.48 -26.01
CA ARG B 185 -7.62 15.69 -24.82
C ARG B 185 -8.59 14.54 -24.70
N ILE B 186 -8.95 14.20 -23.46
CA ILE B 186 -9.87 13.09 -23.18
C ILE B 186 -11.15 13.24 -24.04
N HIS B 187 -11.64 14.47 -24.09
CA HIS B 187 -12.90 14.85 -24.76
C HIS B 187 -12.88 14.66 -26.27
N ASP B 188 -11.69 14.62 -26.88
CA ASP B 188 -11.59 14.45 -28.34
C ASP B 188 -12.26 13.17 -28.81
N LYS B 189 -11.91 12.04 -28.19
CA LYS B 189 -12.38 10.71 -28.59
C LYS B 189 -13.20 9.98 -27.52
N CYS B 190 -13.56 10.68 -26.44
CA CYS B 190 -14.43 10.10 -25.40
C CYS B 190 -15.68 9.52 -26.05
N TYR B 191 -16.00 8.28 -25.72
CA TYR B 191 -17.15 7.60 -26.33
C TYR B 191 -18.50 8.26 -25.96
N ARG B 192 -18.53 9.08 -24.91
CA ARG B 192 -19.74 9.84 -24.55
C ARG B 192 -19.89 11.16 -25.34
N ARG B 193 -18.93 11.45 -26.23
CA ARG B 193 -18.94 12.71 -27.00
C ARG B 193 -20.23 12.95 -27.81
N PRO B 194 -20.80 11.91 -28.44
CA PRO B 194 -22.07 12.12 -29.15
C PRO B 194 -23.18 12.66 -28.24
N HIS B 195 -23.18 12.26 -26.97
CA HIS B 195 -24.14 12.81 -26.01
C HIS B 195 -23.84 14.26 -25.70
N PHE B 196 -22.57 14.59 -25.48
CA PHE B 196 -22.16 15.99 -25.28
C PHE B 196 -22.63 16.86 -26.44
N ASP B 197 -22.34 16.42 -27.66
CA ASP B 197 -22.71 17.16 -28.87
C ASP B 197 -24.22 17.38 -28.99
N ALA B 198 -25.00 16.42 -28.47
CA ALA B 198 -26.47 16.49 -28.51
C ALA B 198 -27.07 17.16 -27.26
N GLY B 199 -26.24 17.62 -26.34
CA GLY B 199 -26.71 18.26 -25.10
C GLY B 199 -27.37 17.27 -24.15
N GLN B 200 -26.88 16.03 -24.15
CA GLN B 200 -27.43 14.95 -23.33
C GLN B 200 -26.51 14.67 -22.13
N PHE B 201 -26.94 15.10 -20.95
CA PHE B 201 -26.09 15.14 -19.75
C PHE B 201 -26.71 14.45 -18.55
N VAL B 202 -25.86 13.80 -17.76
CA VAL B 202 -26.19 13.39 -16.40
C VAL B 202 -26.32 14.67 -15.56
N GLU B 203 -27.36 14.78 -14.74
CA GLU B 203 -27.47 15.94 -13.85
C GLU B 203 -27.52 15.58 -12.37
N GLU B 204 -27.87 14.35 -12.06
CA GLU B 204 -27.77 13.82 -10.71
C GLU B 204 -27.27 12.39 -10.78
N TRP B 205 -26.50 11.95 -9.79
CA TRP B 205 -25.99 10.59 -9.84
C TRP B 205 -27.10 9.59 -9.90
N ASP B 206 -26.89 8.57 -10.72
CA ASP B 206 -27.83 7.48 -10.92
C ASP B 206 -29.20 7.93 -11.44
N ASP B 207 -29.26 9.09 -12.09
CA ASP B 207 -30.49 9.46 -12.80
C ASP B 207 -30.62 8.61 -14.08
N GLU B 208 -31.73 8.75 -14.79
CA GLU B 208 -31.95 7.96 -15.99
C GLU B 208 -30.84 8.17 -17.00
N SER B 209 -30.38 9.42 -17.10
CA SER B 209 -29.30 9.77 -18.02
C SER B 209 -28.00 9.05 -17.69
N ALA B 210 -27.69 8.92 -16.40
CA ALA B 210 -26.50 8.18 -15.95
C ALA B 210 -26.58 6.71 -16.36
N ARG B 211 -27.77 6.13 -16.26
CA ARG B 211 -27.94 4.72 -16.62
C ARG B 211 -27.90 4.48 -18.13
N LYS B 212 -27.97 5.56 -18.91
CA LYS B 212 -27.83 5.48 -20.37
C LYS B 212 -26.46 5.97 -20.85
N GLY B 213 -25.56 6.27 -19.91
CA GLY B 213 -24.20 6.68 -20.26
C GLY B 213 -24.09 8.08 -20.86
N PHE B 214 -24.97 8.99 -20.46
CA PHE B 214 -24.95 10.37 -20.97
C PHE B 214 -23.68 11.11 -20.49
N CYS B 215 -23.36 12.20 -21.17
CA CYS B 215 -22.12 12.95 -20.90
C CYS B 215 -22.07 13.45 -19.45
N LEU B 216 -20.87 13.48 -18.88
CA LEU B 216 -20.65 13.81 -17.47
C LEU B 216 -20.16 15.26 -17.25
N TYR B 217 -20.21 16.09 -18.30
CA TYR B 217 -19.78 17.50 -18.22
C TYR B 217 -20.42 18.25 -17.05
N LYS B 218 -21.72 18.10 -16.90
CA LYS B 218 -22.43 18.82 -15.82
C LYS B 218 -22.22 18.24 -14.43
N MET B 219 -21.63 17.03 -14.37
CA MET B 219 -21.15 16.46 -13.10
C MET B 219 -19.68 16.79 -12.81
N GLY B 220 -19.10 17.69 -13.60
CA GLY B 220 -17.75 18.21 -13.33
C GLY B 220 -16.63 17.63 -14.19
N CYS B 221 -16.96 16.80 -15.17
CA CYS B 221 -15.94 16.15 -16.00
C CYS B 221 -14.96 17.17 -16.58
N LYS B 222 -13.66 16.97 -16.32
CA LYS B 222 -12.63 17.88 -16.81
C LYS B 222 -11.94 17.33 -18.07
N GLY B 223 -12.56 16.34 -18.72
CA GLY B 223 -12.05 15.81 -19.97
C GLY B 223 -11.76 16.85 -21.05
N PRO B 224 -12.62 17.88 -21.17
CA PRO B 224 -12.38 18.91 -22.20
C PRO B 224 -11.07 19.71 -22.08
N THR B 225 -10.45 19.70 -20.90
CA THR B 225 -9.21 20.46 -20.68
C THR B 225 -8.02 19.59 -20.25
N THR B 226 -8.17 18.26 -20.38
CA THR B 226 -7.17 17.33 -19.85
C THR B 226 -6.58 16.48 -20.98
N TYR B 227 -5.24 16.50 -21.09
CA TYR B 227 -4.53 15.70 -22.11
C TYR B 227 -4.03 14.38 -21.53
N ASN B 228 -4.50 13.28 -22.10
CA ASN B 228 -4.08 11.94 -21.70
C ASN B 228 -4.61 10.94 -22.74
N ALA B 229 -4.22 9.67 -22.59
CA ALA B 229 -4.62 8.61 -23.53
C ALA B 229 -5.80 7.78 -23.02
N CYS B 230 -6.48 8.26 -21.97
CA CYS B 230 -7.51 7.47 -21.28
C CYS B 230 -8.71 7.05 -22.11
N SER B 231 -9.15 7.88 -23.06
CA SER B 231 -10.37 7.57 -23.82
CA SER B 231 -10.36 7.59 -23.86
C SER B 231 -10.13 6.52 -24.92
N THR B 232 -8.87 6.32 -25.31
CA THR B 232 -8.55 5.38 -26.39
C THR B 232 -7.75 4.18 -25.88
N THR B 233 -6.57 4.44 -25.33
CA THR B 233 -5.77 3.37 -24.72
C THR B 233 -6.49 2.74 -23.52
N ARG B 234 -7.13 3.59 -22.72
CA ARG B 234 -7.88 3.16 -21.53
C ARG B 234 -6.97 2.50 -20.50
N TRP B 235 -7.56 1.92 -19.46
CA TRP B 235 -6.85 1.48 -18.26
C TRP B 235 -6.87 -0.01 -18.06
N ASN B 236 -5.78 -0.53 -17.53
CA ASN B 236 -5.68 -1.93 -17.12
C ASN B 236 -5.98 -2.90 -18.26
N GLU B 237 -5.18 -2.77 -19.30
CA GLU B 237 -5.33 -3.50 -20.57
C GLU B 237 -6.69 -3.18 -21.24
N GLY B 238 -6.98 -1.89 -21.31
CA GLY B 238 -8.17 -1.42 -22.05
C GLY B 238 -9.50 -1.86 -21.47
N THR B 239 -9.56 -2.05 -20.16
CA THR B 239 -10.77 -2.57 -19.50
C THR B 239 -11.83 -1.47 -19.31
N SER B 240 -11.38 -0.29 -18.86
CA SER B 240 -12.26 0.86 -18.68
C SER B 240 -11.45 2.14 -18.57
N PHE B 241 -12.12 3.23 -18.28
CA PHE B 241 -11.49 4.46 -17.83
C PHE B 241 -12.51 5.22 -16.96
N PRO B 242 -12.07 6.26 -16.25
CA PRO B 242 -12.99 6.89 -15.30
C PRO B 242 -14.40 7.16 -15.85
N ILE B 243 -14.47 7.77 -17.03
CA ILE B 243 -15.75 8.13 -17.64
C ILE B 243 -16.61 6.91 -17.98
N GLN B 244 -15.99 5.88 -18.54
CA GLN B 244 -16.72 4.65 -18.86
C GLN B 244 -17.35 4.03 -17.61
N SER B 245 -16.65 4.09 -16.49
CA SER B 245 -17.17 3.58 -15.23
C SER B 245 -18.07 4.56 -14.49
N GLY B 246 -18.30 5.75 -15.05
CA GLY B 246 -19.37 6.63 -14.58
C GLY B 246 -18.98 7.90 -13.82
N HIS B 247 -17.68 8.13 -13.60
CA HIS B 247 -17.22 9.35 -12.93
C HIS B 247 -16.52 10.24 -13.91
N GLY B 248 -16.74 11.56 -13.81
CA GLY B 248 -16.04 12.51 -14.66
C GLY B 248 -14.53 12.43 -14.46
N CYS B 249 -13.80 12.75 -15.51
CA CYS B 249 -12.37 13.02 -15.39
C CYS B 249 -12.19 14.13 -14.34
N ILE B 250 -11.23 13.96 -13.44
CA ILE B 250 -10.91 15.00 -12.45
C ILE B 250 -9.70 15.85 -12.88
N GLY B 251 -9.16 15.56 -14.07
CA GLY B 251 -8.05 16.30 -14.65
C GLY B 251 -6.67 15.89 -14.16
N CYS B 252 -6.50 14.62 -13.80
CA CYS B 252 -5.34 14.22 -12.98
C CYS B 252 -3.97 14.29 -13.66
N SER B 253 -3.94 14.45 -14.98
CA SER B 253 -2.67 14.59 -15.70
C SER B 253 -2.26 16.05 -15.90
N GLU B 254 -3.11 17.00 -15.48
CA GLU B 254 -2.85 18.43 -15.70
C GLU B 254 -2.24 19.11 -14.48
N ASP B 255 -1.32 20.02 -14.76
CA ASP B 255 -0.63 20.82 -13.76
C ASP B 255 -1.61 21.54 -12.83
N GLY B 256 -1.50 21.27 -11.53
CA GLY B 256 -2.32 21.95 -10.52
C GLY B 256 -3.79 21.58 -10.48
N PHE B 257 -4.13 20.35 -10.86
CA PHE B 257 -5.55 19.94 -10.99
C PHE B 257 -6.32 19.91 -9.67
N TRP B 258 -5.59 19.82 -8.54
CA TRP B 258 -6.21 19.84 -7.21
C TRP B 258 -6.75 21.20 -6.82
N ASP B 259 -6.27 22.25 -7.47
CA ASP B 259 -6.63 23.62 -7.11
C ASP B 259 -7.37 24.35 -8.24
N LYS B 260 -8.09 23.58 -9.04
CA LYS B 260 -8.93 24.15 -10.11
C LYS B 260 -10.42 24.06 -9.74
N GLY B 261 -10.73 24.14 -8.44
CA GLY B 261 -12.11 24.07 -7.95
C GLY B 261 -12.59 22.66 -7.71
N SER B 262 -13.81 22.53 -7.20
CA SER B 262 -14.37 21.22 -6.91
C SER B 262 -14.38 20.35 -8.17
N PHE B 263 -14.09 19.07 -7.99
CA PHE B 263 -14.16 18.14 -9.10
C PHE B 263 -15.57 18.03 -9.68
N TYR B 264 -16.58 18.40 -8.89
CA TYR B 264 -17.98 18.29 -9.32
C TYR B 264 -18.58 19.58 -9.86
N ASP B 265 -17.79 20.66 -9.87
CA ASP B 265 -18.21 21.89 -10.52
C ASP B 265 -17.85 21.84 -11.99
N ARG B 266 -18.83 22.07 -12.84
CA ARG B 266 -18.62 22.02 -14.29
C ARG B 266 -17.68 23.12 -14.76
N LEU B 267 -17.02 22.88 -15.89
CA LEU B 267 -16.27 23.90 -16.59
C LEU B 267 -17.22 25.00 -17.05
N THR B 268 -16.73 26.23 -17.08
CA THR B 268 -17.52 27.37 -17.54
C THR B 268 -17.43 27.48 -19.06
N GLY B 269 -18.43 28.12 -19.65
CA GLY B 269 -18.47 28.32 -21.10
C GLY B 269 -18.47 27.02 -21.89
FE NFV C . -2.59 1.88 4.16
NI NFV C . -0.67 2.38 2.07
C1 NFV C . -4.14 2.59 4.88
O1 NFV C . -5.10 3.01 5.36
C2 NFV C . -1.72 1.75 5.87
N2 NFV C . -1.20 1.69 6.86
C3 NFV C . -3.29 0.10 4.37
N3 NFV C . -3.71 -0.90 4.48
O4 NFV C . -0.94 1.07 3.38
MG MG D . -3.07 11.70 11.20
FE1 SF4 E . -16.24 15.22 -22.82
FE2 SF4 E . -16.33 14.28 -20.21
FE3 SF4 E . -16.62 12.55 -22.33
FE4 SF4 E . -18.60 14.35 -21.73
S1 SF4 E . -17.90 12.68 -20.53
S2 SF4 E . -17.79 13.84 -23.77
S3 SF4 E . -17.31 16.06 -21.01
S4 SF4 E . -14.83 13.86 -21.85
FE1 F3S F . -8.99 11.93 -16.28
FE3 F3S F . -7.58 9.93 -17.22
FE4 F3S F . -6.93 11.04 -14.86
S1 F3S F . -9.79 10.18 -17.36
S2 F3S F . -8.90 11.76 -14.00
S3 F3S F . -6.81 12.00 -16.98
S4 F3S F . -6.92 8.84 -15.36
S2 S3F G . 0.20 10.92 -5.74
FE2 S3F G . 2.08 10.86 -6.98
S3 S3F G . 1.31 10.99 -9.06
FE3 S3F G . -0.40 11.73 -7.75
S1 S3F G . 3.01 8.78 -6.65
FE1 S3F G . 0.75 8.83 -6.21
O1 S3F G . -0.97 8.29 -6.37
FE4 S3F G . 1.94 8.63 -8.59
FE4 S3F G . 2.51 7.35 -8.38
CL CL H . -0.36 18.67 -9.96
#